data_2WG6
#
_entry.id   2WG6
#
_cell.length_a   103.350
_cell.length_b   91.380
_cell.length_c   103.360
_cell.angle_alpha   90.00
_cell.angle_beta   119.97
_cell.angle_gamma   90.00
#
_symmetry.space_group_name_H-M   'P 1 21 1'
#
loop_
_entity.id
_entity.type
_entity.pdbx_description
1 polymer 'GENERAL CONTROL PROTEIN GCN4, PROTEASOME-ACTIVATING NUCLEOTIDASE'
2 water water
#
_entity_poly.entity_id   1
_entity_poly.type   'polypeptide(L)'
_entity_poly.pdbx_seq_one_letter_code
;MHHHHHHRMKQLEDKVEELLSKNYHLENEVARLRSAPLLVGVVSDILEDGRVVVKSSTGPKFVVNTSQYINEEELKPGAR
VALNQQTLAIVNVLPTSKDPMVYGFEVEE
;
_entity_poly.pdbx_strand_id   A,B,C,D,E,F,G,H,I,J,K,L
#
# COMPACT_ATOMS: atom_id res chain seq x y z
N MET A 9 -15.07 23.50 41.22
CA MET A 9 -13.58 23.42 41.13
C MET A 9 -13.08 22.13 41.75
N LYS A 10 -13.58 21.77 42.92
CA LYS A 10 -13.35 20.42 43.43
C LYS A 10 -14.25 19.44 42.67
N GLN A 11 -15.30 19.97 42.04
CA GLN A 11 -16.21 19.14 41.26
C GLN A 11 -15.44 18.54 40.08
N LEU A 12 -14.85 19.43 39.29
CA LEU A 12 -13.97 19.05 38.19
C LEU A 12 -12.95 18.04 38.65
N GLU A 13 -12.10 18.43 39.60
CA GLU A 13 -11.06 17.53 40.11
C GLU A 13 -11.58 16.12 40.38
N ASP A 14 -12.80 16.02 40.87
CA ASP A 14 -13.42 14.73 41.12
C ASP A 14 -13.70 14.03 39.80
N LYS A 15 -14.32 14.77 38.89
CA LYS A 15 -14.67 14.21 37.59
C LYS A 15 -13.43 13.72 36.85
N VAL A 16 -12.34 14.49 36.93
CA VAL A 16 -11.06 14.07 36.42
C VAL A 16 -10.62 12.76 37.05
N GLU A 17 -11.01 12.54 38.29
CA GLU A 17 -10.51 11.41 39.07
C GLU A 17 -11.27 10.17 38.67
N GLU A 18 -12.59 10.26 38.57
CA GLU A 18 -13.39 9.09 38.18
C GLU A 18 -13.23 8.75 36.68
N LEU A 19 -13.05 9.77 35.85
CA LEU A 19 -12.79 9.60 34.43
C LEU A 19 -11.51 8.84 34.25
N LEU A 20 -10.47 9.27 34.97
CA LEU A 20 -9.19 8.53 34.95
C LEU A 20 -9.43 7.06 35.29
N SER A 21 -10.39 6.81 36.15
CA SER A 21 -10.54 5.48 36.68
C SER A 21 -11.27 4.68 35.64
N LYS A 22 -12.41 5.19 35.23
CA LYS A 22 -13.22 4.55 34.21
C LYS A 22 -12.33 4.27 32.99
N ASN A 23 -11.53 5.25 32.58
CA ASN A 23 -10.65 5.06 31.43
C ASN A 23 -9.63 3.95 31.65
N TYR A 24 -9.11 3.85 32.86
CA TYR A 24 -8.17 2.79 33.18
C TYR A 24 -8.85 1.41 33.09
N HIS A 25 -10.09 1.31 33.56
CA HIS A 25 -10.80 0.05 33.54
C HIS A 25 -11.16 -0.37 32.12
N LEU A 26 -11.50 0.62 31.29
CA LEU A 26 -11.83 0.36 29.90
C LEU A 26 -10.59 -0.12 29.12
N GLU A 27 -9.46 0.57 29.32
CA GLU A 27 -8.18 0.15 28.72
C GLU A 27 -7.85 -1.29 29.05
N ASN A 28 -8.20 -1.66 30.26
CA ASN A 28 -7.86 -2.93 30.76
C ASN A 28 -8.70 -3.95 30.05
N GLU A 29 -9.97 -3.59 29.90
CA GLU A 29 -10.92 -4.45 29.19
C GLU A 29 -10.48 -4.58 27.71
N VAL A 30 -10.08 -3.48 27.09
CA VAL A 30 -9.52 -3.60 25.75
C VAL A 30 -8.31 -4.58 25.73
N ALA A 31 -7.38 -4.40 26.67
CA ALA A 31 -6.18 -5.25 26.71
C ALA A 31 -6.56 -6.72 26.85
N ARG A 32 -7.54 -7.02 27.69
CA ARG A 32 -7.94 -8.40 27.87
C ARG A 32 -8.65 -8.98 26.65
N LEU A 33 -9.40 -8.16 25.92
CA LEU A 33 -10.18 -8.71 24.85
C LEU A 33 -9.32 -8.87 23.60
N ARG A 34 -8.25 -8.08 23.53
CA ARG A 34 -7.35 -8.10 22.39
C ARG A 34 -6.17 -9.08 22.49
N SER A 35 -5.89 -9.56 23.70
CA SER A 35 -4.77 -10.48 23.93
C SER A 35 -4.99 -11.80 23.19
N ALA A 36 -3.90 -12.31 22.65
CA ALA A 36 -3.97 -13.46 21.75
C ALA A 36 -4.21 -14.69 22.54
N PRO A 37 -4.97 -15.62 21.99
CA PRO A 37 -5.09 -16.87 22.70
C PRO A 37 -3.91 -17.81 22.47
N LEU A 38 -3.92 -18.91 23.19
CA LEU A 38 -3.01 -19.98 22.95
C LEU A 38 -3.86 -21.11 22.55
N LEU A 39 -3.25 -22.01 21.82
CA LEU A 39 -3.93 -23.09 21.18
C LEU A 39 -3.56 -24.34 21.90
N VAL A 40 -4.55 -25.12 22.27
CA VAL A 40 -4.30 -26.32 23.03
C VAL A 40 -3.95 -27.49 22.13
N GLY A 41 -3.03 -28.31 22.60
CA GLY A 41 -2.70 -29.57 21.96
C GLY A 41 -2.08 -30.55 22.94
N VAL A 42 -1.73 -31.71 22.42
CA VAL A 42 -1.21 -32.81 23.19
C VAL A 42 0.13 -33.26 22.63
N VAL A 43 1.11 -33.46 23.51
CA VAL A 43 2.43 -33.86 23.08
C VAL A 43 2.29 -35.28 22.52
N SER A 44 2.73 -35.48 21.30
CA SER A 44 2.72 -36.81 20.68
C SER A 44 4.04 -37.56 20.89
N ASP A 45 5.17 -36.91 20.63
CA ASP A 45 6.45 -37.51 20.90
C ASP A 45 7.57 -36.52 20.80
N ILE A 46 8.67 -36.84 21.47
CA ILE A 46 9.79 -35.92 21.60
C ILE A 46 10.80 -36.37 20.59
N LEU A 47 11.47 -35.42 19.98
CA LEU A 47 12.45 -35.76 18.96
C LEU A 47 13.88 -35.58 19.47
N GLU A 48 14.73 -36.47 18.95
CA GLU A 48 16.15 -36.54 19.26
C GLU A 48 16.76 -35.14 19.34
N ASP A 49 16.29 -34.19 18.55
CA ASP A 49 16.88 -32.84 18.54
C ASP A 49 16.25 -31.80 19.51
N GLY A 50 15.29 -32.25 20.32
CA GLY A 50 14.57 -31.36 21.25
C GLY A 50 13.37 -30.63 20.66
N ARG A 51 12.98 -31.02 19.46
CA ARG A 51 11.74 -30.51 18.90
C ARG A 51 10.67 -31.56 19.18
N VAL A 52 9.47 -31.07 19.38
CA VAL A 52 8.44 -31.90 19.92
C VAL A 52 7.44 -32.04 18.80
N VAL A 53 6.81 -33.19 18.72
CA VAL A 53 5.69 -33.32 17.85
C VAL A 53 4.46 -33.19 18.66
N VAL A 54 3.59 -32.26 18.27
CA VAL A 54 2.37 -32.00 19.02
C VAL A 54 1.18 -32.26 18.13
N LYS A 55 0.14 -32.89 18.68
CA LYS A 55 -1.13 -32.98 18.00
C LYS A 55 -1.94 -31.77 18.37
N SER A 56 -2.18 -30.84 17.44
CA SER A 56 -3.05 -29.69 17.69
C SER A 56 -4.49 -30.10 17.90
N SER A 57 -5.21 -29.35 18.72
CA SER A 57 -6.65 -29.58 18.88
C SER A 57 -7.35 -29.13 17.61
N THR A 58 -6.69 -28.29 16.79
CA THR A 58 -7.21 -27.98 15.41
C THR A 58 -7.16 -29.18 14.45
N GLY A 59 -6.64 -30.34 14.86
CA GLY A 59 -6.52 -31.51 13.97
C GLY A 59 -5.12 -32.04 13.62
N PRO A 60 -4.32 -31.28 12.88
CA PRO A 60 -2.98 -31.78 12.47
C PRO A 60 -1.93 -31.93 13.60
N LYS A 61 -0.83 -32.59 13.23
CA LYS A 61 0.31 -32.78 14.09
C LYS A 61 1.40 -31.87 13.54
N PHE A 62 2.18 -31.27 14.42
CA PHE A 62 3.22 -30.35 14.03
C PHE A 62 4.50 -30.60 14.79
N VAL A 63 5.61 -30.21 14.16
CA VAL A 63 6.91 -30.23 14.78
C VAL A 63 7.14 -28.83 15.24
N VAL A 64 7.33 -28.64 16.55
CA VAL A 64 7.36 -27.31 17.09
C VAL A 64 8.52 -27.10 18.05
N ASN A 65 8.84 -25.84 18.26
CA ASN A 65 9.79 -25.48 19.24
C ASN A 65 9.12 -25.40 20.61
N THR A 66 9.95 -25.32 21.65
CA THR A 66 9.46 -25.20 23.04
C THR A 66 10.06 -23.98 23.71
N SER A 67 9.32 -23.36 24.57
CA SER A 67 9.80 -22.23 25.34
C SER A 67 11.06 -22.64 26.11
N GLN A 68 12.06 -21.77 26.12
CA GLN A 68 13.25 -21.97 26.94
C GLN A 68 12.89 -22.08 28.43
N TYR A 69 11.80 -21.47 28.87
CA TYR A 69 11.41 -21.55 30.27
C TYR A 69 10.67 -22.83 30.67
N ILE A 70 10.50 -23.78 29.77
CA ILE A 70 9.67 -24.92 30.11
C ILE A 70 10.60 -25.97 30.67
N ASN A 71 10.27 -26.51 31.84
CA ASN A 71 10.93 -27.73 32.30
C ASN A 71 10.68 -28.90 31.34
N GLU A 72 11.68 -29.20 30.51
CA GLU A 72 11.57 -30.31 29.55
C GLU A 72 11.21 -31.70 30.17
N GLU A 73 11.48 -31.87 31.47
CA GLU A 73 11.00 -33.04 32.21
C GLU A 73 9.49 -33.23 32.00
N GLU A 74 8.71 -32.14 32.09
CA GLU A 74 7.24 -32.18 31.99
C GLU A 74 6.69 -32.54 30.62
N LEU A 75 7.54 -32.38 29.59
CA LEU A 75 7.18 -32.71 28.23
C LEU A 75 7.26 -34.20 27.97
N LYS A 76 6.14 -34.86 28.07
CA LYS A 76 6.11 -36.24 27.71
C LYS A 76 4.82 -36.54 27.00
N PRO A 77 4.80 -37.66 26.28
CA PRO A 77 3.58 -37.98 25.55
C PRO A 77 2.33 -37.90 26.42
N GLY A 78 1.24 -37.42 25.82
CA GLY A 78 0.00 -37.23 26.53
C GLY A 78 -0.10 -35.93 27.29
N ALA A 79 1.03 -35.26 27.51
CA ALA A 79 1.01 -33.95 28.15
C ALA A 79 0.15 -32.96 27.33
N ARG A 80 -0.72 -32.26 28.04
CA ARG A 80 -1.52 -31.22 27.44
C ARG A 80 -0.67 -29.96 27.40
N VAL A 81 -0.58 -29.32 26.23
CA VAL A 81 0.26 -28.12 26.03
C VAL A 81 -0.48 -26.96 25.42
N ALA A 82 0.02 -25.76 25.65
CA ALA A 82 -0.58 -24.56 25.11
C ALA A 82 0.44 -23.92 24.13
N LEU A 83 0.00 -23.59 22.90
CA LEU A 83 0.87 -23.22 21.79
C LEU A 83 0.62 -21.78 21.37
N ASN A 84 1.68 -21.07 21.07
CA ASN A 84 1.56 -19.80 20.38
C ASN A 84 0.75 -20.01 19.07
N GLN A 85 -0.15 -19.09 18.79
CA GLN A 85 -1.17 -19.38 17.77
C GLN A 85 -0.56 -19.28 16.38
N GLN A 86 0.41 -18.41 16.16
CA GLN A 86 1.13 -18.28 14.87
C GLN A 86 2.27 -19.27 14.71
N THR A 87 3.21 -19.34 15.66
CA THR A 87 4.38 -20.23 15.53
C THR A 87 4.15 -21.63 16.08
N LEU A 88 3.10 -21.79 16.85
CA LEU A 88 2.79 -23.10 17.43
C LEU A 88 3.89 -23.61 18.43
N ALA A 89 4.76 -22.71 18.89
CA ALA A 89 5.74 -23.01 19.96
C ALA A 89 5.00 -23.29 21.25
N ILE A 90 5.44 -24.36 21.96
CA ILE A 90 4.96 -24.69 23.31
C ILE A 90 5.29 -23.59 24.32
N VAL A 91 4.23 -22.96 24.84
CA VAL A 91 4.39 -21.84 25.76
C VAL A 91 4.18 -22.30 27.25
N ASN A 92 3.26 -23.25 27.48
CA ASN A 92 2.94 -23.77 28.81
C ASN A 92 2.67 -25.24 28.69
N VAL A 93 2.99 -25.95 29.77
CA VAL A 93 2.45 -27.25 29.95
C VAL A 93 1.29 -27.07 30.88
N LEU A 94 0.15 -27.66 30.55
CA LEU A 94 -1.05 -27.51 31.33
C LEU A 94 -1.34 -28.77 32.14
N PRO A 95 -1.91 -28.61 33.34
CA PRO A 95 -2.34 -29.72 34.21
C PRO A 95 -2.84 -30.95 33.46
N MET B 9 -8.25 25.64 36.12
CA MET B 9 -9.75 25.66 36.04
C MET B 9 -10.21 25.58 34.58
N LYS B 10 -9.62 26.44 33.75
CA LYS B 10 -9.73 26.33 32.31
C LYS B 10 -9.02 25.04 31.96
N GLN B 11 -7.87 24.82 32.61
CA GLN B 11 -7.10 23.55 32.51
C GLN B 11 -7.86 22.30 32.95
N LEU B 12 -8.55 22.37 34.09
CA LEU B 12 -9.42 21.27 34.52
C LEU B 12 -10.52 20.92 33.51
N GLU B 13 -11.17 21.96 32.96
CA GLU B 13 -12.32 21.74 32.07
C GLU B 13 -11.82 21.16 30.79
N ASP B 14 -10.62 21.59 30.42
CA ASP B 14 -9.93 21.02 29.27
C ASP B 14 -9.62 19.57 29.51
N LYS B 15 -9.02 19.27 30.66
CA LYS B 15 -8.69 17.90 31.04
C LYS B 15 -9.93 17.02 31.09
N VAL B 16 -11.05 17.59 31.49
CA VAL B 16 -12.27 16.83 31.51
C VAL B 16 -12.75 16.55 30.06
N GLU B 17 -12.56 17.50 29.16
CA GLU B 17 -13.02 17.27 27.79
C GLU B 17 -12.16 16.17 27.22
N GLU B 18 -10.86 16.27 27.47
CA GLU B 18 -9.92 15.30 26.93
C GLU B 18 -10.24 13.90 27.43
N LEU B 19 -10.34 13.76 28.73
CA LEU B 19 -10.60 12.47 29.31
C LEU B 19 -11.96 11.93 28.89
N LEU B 20 -12.91 12.83 28.64
CA LEU B 20 -14.23 12.39 28.18
C LEU B 20 -14.16 11.88 26.75
N SER B 21 -13.35 12.55 25.94
CA SER B 21 -13.11 12.12 24.59
C SER B 21 -12.46 10.75 24.57
N LYS B 22 -11.43 10.60 25.38
CA LYS B 22 -10.74 9.36 25.53
C LYS B 22 -11.74 8.25 25.96
N ASN B 23 -12.53 8.56 26.97
CA ASN B 23 -13.55 7.64 27.46
C ASN B 23 -14.44 7.20 26.29
N TYR B 24 -14.89 8.16 25.51
CA TYR B 24 -15.80 7.86 24.43
C TYR B 24 -15.20 6.84 23.47
N HIS B 25 -13.97 7.12 23.06
CA HIS B 25 -13.28 6.21 22.14
C HIS B 25 -13.08 4.86 22.76
N LEU B 26 -12.72 4.85 24.04
CA LEU B 26 -12.57 3.56 24.74
C LEU B 26 -13.85 2.76 24.77
N GLU B 27 -14.95 3.42 25.05
CA GLU B 27 -16.25 2.74 25.08
C GLU B 27 -16.62 2.13 23.74
N ASN B 28 -16.40 2.89 22.68
CA ASN B 28 -16.64 2.36 21.33
C ASN B 28 -15.81 1.14 20.95
N GLU B 29 -14.53 1.21 21.28
CA GLU B 29 -13.63 0.09 21.14
C GLU B 29 -14.10 -1.09 21.98
N VAL B 30 -14.54 -0.88 23.22
CA VAL B 30 -14.95 -2.07 23.99
C VAL B 30 -16.21 -2.67 23.37
N ALA B 31 -17.09 -1.81 22.89
CA ALA B 31 -18.34 -2.29 22.29
C ALA B 31 -18.06 -3.09 21.02
N ARG B 32 -17.17 -2.61 20.16
CA ARG B 32 -16.83 -3.43 18.99
C ARG B 32 -16.31 -4.78 19.40
N LEU B 33 -15.32 -4.81 20.29
CA LEU B 33 -14.74 -6.08 20.78
C LEU B 33 -15.76 -7.02 21.40
N ARG B 34 -16.82 -6.48 21.99
CA ARG B 34 -17.84 -7.28 22.67
C ARG B 34 -19.03 -7.55 21.76
N SER B 35 -19.08 -6.90 20.61
CA SER B 35 -20.25 -6.99 19.78
C SER B 35 -20.39 -8.33 19.05
N ALA B 36 -21.61 -8.66 18.66
CA ALA B 36 -21.87 -9.83 17.82
C ALA B 36 -21.33 -9.54 16.42
N PRO B 37 -20.98 -10.58 15.68
CA PRO B 37 -21.11 -12.01 15.97
C PRO B 37 -20.04 -12.53 16.94
N LEU B 38 -20.45 -13.46 17.79
CA LEU B 38 -19.55 -14.02 18.75
C LEU B 38 -19.64 -15.51 18.56
N LEU B 39 -18.54 -16.17 18.81
CA LEU B 39 -18.47 -17.60 18.63
C LEU B 39 -18.92 -18.21 19.94
N VAL B 40 -19.70 -19.27 19.85
CA VAL B 40 -20.10 -19.98 21.04
C VAL B 40 -19.05 -21.01 21.38
N GLY B 41 -18.80 -21.17 22.67
CA GLY B 41 -17.97 -22.25 23.18
C GLY B 41 -18.38 -22.68 24.59
N VAL B 42 -17.63 -23.64 25.12
CA VAL B 42 -17.91 -24.25 26.40
C VAL B 42 -16.67 -24.25 27.28
N VAL B 43 -16.78 -23.74 28.51
CA VAL B 43 -15.62 -23.71 29.37
C VAL B 43 -15.22 -25.14 29.64
N SER B 44 -13.94 -25.41 29.57
CA SER B 44 -13.44 -26.75 29.80
C SER B 44 -12.75 -26.82 31.17
N ASP B 45 -11.92 -25.85 31.48
CA ASP B 45 -11.40 -25.75 32.81
C ASP B 45 -10.70 -24.40 33.03
N ILE B 46 -10.40 -24.12 34.29
CA ILE B 46 -9.97 -22.80 34.73
C ILE B 46 -8.57 -22.94 35.33
N LEU B 47 -7.67 -22.05 34.95
CA LEU B 47 -6.31 -22.21 35.35
C LEU B 47 -6.02 -21.30 36.53
N GLU B 48 -5.10 -21.78 37.36
CA GLU B 48 -4.60 -21.04 38.50
C GLU B 48 -4.44 -19.56 38.18
N ASP B 49 -3.78 -19.22 37.09
CA ASP B 49 -3.61 -17.75 36.76
C ASP B 49 -4.87 -17.03 36.25
N GLY B 50 -6.01 -17.71 36.24
CA GLY B 50 -7.26 -17.07 35.85
C GLY B 50 -7.57 -17.00 34.35
N ARG B 51 -6.71 -17.60 33.53
CA ARG B 51 -7.04 -17.82 32.13
C ARG B 51 -7.92 -19.07 32.02
N VAL B 52 -8.70 -19.17 30.96
CA VAL B 52 -9.65 -20.27 30.88
C VAL B 52 -9.39 -21.11 29.66
N VAL B 53 -9.49 -22.42 29.78
CA VAL B 53 -9.52 -23.25 28.63
C VAL B 53 -10.96 -23.42 28.16
N VAL B 54 -11.23 -23.05 26.90
CA VAL B 54 -12.57 -23.20 26.28
C VAL B 54 -12.47 -24.08 25.08
N LYS B 55 -13.47 -24.94 24.85
CA LYS B 55 -13.64 -25.60 23.55
C LYS B 55 -14.56 -24.76 22.66
N SER B 56 -14.09 -24.29 21.51
CA SER B 56 -14.97 -23.52 20.61
C SER B 56 -15.82 -24.48 19.84
N SER B 57 -17.02 -24.04 19.50
CA SER B 57 -17.89 -24.80 18.59
C SER B 57 -17.24 -24.94 17.19
N THR B 58 -16.22 -24.12 16.86
CA THR B 58 -15.41 -24.42 15.65
C THR B 58 -14.53 -25.68 15.78
N GLY B 59 -14.50 -26.34 16.95
CA GLY B 59 -13.68 -27.56 17.16
C GLY B 59 -12.51 -27.52 18.16
N PRO B 60 -11.50 -26.69 17.93
CA PRO B 60 -10.34 -26.67 18.80
C PRO B 60 -10.57 -26.11 20.21
N LYS B 61 -9.57 -26.33 21.04
CA LYS B 61 -9.56 -25.79 22.38
C LYS B 61 -8.50 -24.70 22.47
N PHE B 62 -8.79 -23.70 23.30
CA PHE B 62 -7.94 -22.54 23.45
C PHE B 62 -7.79 -22.16 24.88
N VAL B 63 -6.71 -21.45 25.16
CA VAL B 63 -6.52 -20.84 26.44
C VAL B 63 -6.71 -19.39 26.23
N VAL B 64 -7.67 -18.83 26.93
CA VAL B 64 -8.12 -17.49 26.59
C VAL B 64 -8.23 -16.54 27.78
N ASN B 65 -8.31 -15.27 27.46
CA ASN B 65 -8.56 -14.31 28.43
C ASN B 65 -10.07 -14.17 28.63
N THR B 66 -10.47 -13.29 29.54
CA THR B 66 -11.88 -13.11 29.86
C THR B 66 -12.13 -11.63 30.08
N SER B 67 -13.36 -11.21 29.84
CA SER B 67 -13.76 -9.85 30.17
C SER B 67 -13.66 -9.70 31.70
N GLN B 68 -13.36 -8.51 32.17
CA GLN B 68 -13.41 -8.27 33.60
C GLN B 68 -14.81 -8.15 34.15
N TYR B 69 -15.83 -8.14 33.31
CA TYR B 69 -17.19 -7.92 33.76
C TYR B 69 -17.95 -9.20 33.75
N ILE B 70 -17.27 -10.33 33.82
CA ILE B 70 -17.98 -11.60 33.82
C ILE B 70 -18.25 -11.88 35.26
N ASN B 71 -19.35 -12.54 35.56
CA ASN B 71 -19.53 -12.99 36.91
C ASN B 71 -18.79 -14.31 37.10
N GLU B 72 -17.71 -14.25 37.89
CA GLU B 72 -16.84 -15.42 38.09
C GLU B 72 -17.65 -16.62 38.60
N GLU B 73 -18.68 -16.34 39.39
CA GLU B 73 -19.55 -17.40 39.90
C GLU B 73 -20.10 -18.32 38.79
N GLU B 74 -20.46 -17.78 37.63
CA GLU B 74 -21.05 -18.58 36.55
C GLU B 74 -20.01 -19.23 35.64
N LEU B 75 -18.77 -18.74 35.80
CA LEU B 75 -17.64 -19.14 34.98
C LEU B 75 -17.04 -20.45 35.47
N LYS B 76 -17.58 -21.57 35.02
CA LYS B 76 -17.10 -22.88 35.46
C LYS B 76 -17.24 -23.96 34.40
N PRO B 77 -16.57 -25.09 34.62
CA PRO B 77 -16.67 -26.17 33.64
C PRO B 77 -18.08 -26.45 33.18
N GLY B 78 -18.24 -26.63 31.87
CA GLY B 78 -19.51 -26.87 31.20
C GLY B 78 -20.28 -25.60 30.84
N ALA B 79 -19.88 -24.45 31.39
CA ALA B 79 -20.57 -23.20 31.10
C ALA B 79 -20.45 -22.88 29.62
N ARG B 80 -21.56 -22.50 29.04
CA ARG B 80 -21.59 -22.10 27.66
C ARG B 80 -21.10 -20.65 27.62
N VAL B 81 -20.22 -20.32 26.67
CA VAL B 81 -19.66 -18.96 26.59
C VAL B 81 -19.71 -18.40 25.16
N ALA B 82 -19.58 -17.08 25.11
CA ALA B 82 -19.57 -16.28 23.91
C ALA B 82 -18.17 -15.71 23.77
N LEU B 83 -17.50 -16.02 22.65
CA LEU B 83 -16.08 -15.69 22.42
C LEU B 83 -15.94 -14.67 21.36
N ASN B 84 -15.11 -13.67 21.60
CA ASN B 84 -14.67 -12.79 20.53
C ASN B 84 -14.09 -13.67 19.40
N GLN B 85 -14.31 -13.32 18.16
CA GLN B 85 -13.97 -14.25 17.07
C GLN B 85 -12.47 -14.22 16.72
N GLN B 86 -11.89 -13.05 16.86
CA GLN B 86 -10.49 -12.85 16.57
C GLN B 86 -9.61 -13.45 17.63
N THR B 87 -9.89 -13.18 18.91
CA THR B 87 -9.00 -13.58 20.04
C THR B 87 -9.51 -14.75 20.86
N LEU B 88 -10.76 -15.09 20.67
CA LEU B 88 -11.42 -16.07 21.50
C LEU B 88 -11.61 -15.69 22.96
N ALA B 89 -11.37 -14.45 23.33
CA ALA B 89 -11.67 -13.98 24.69
C ALA B 89 -13.11 -14.20 25.10
N ILE B 90 -13.33 -14.52 26.38
CA ILE B 90 -14.67 -14.79 26.90
C ILE B 90 -15.31 -13.44 27.15
N VAL B 91 -16.43 -13.18 26.48
CA VAL B 91 -17.06 -11.87 26.54
C VAL B 91 -18.31 -11.89 27.41
N ASN B 92 -18.98 -13.04 27.46
CA ASN B 92 -20.26 -13.26 28.17
C ASN B 92 -20.30 -14.74 28.54
N VAL B 93 -20.78 -15.07 29.74
CA VAL B 93 -21.28 -16.40 29.99
C VAL B 93 -22.72 -16.42 29.49
N LEU B 94 -23.11 -17.48 28.82
CA LEU B 94 -24.46 -17.68 28.35
C LEU B 94 -25.13 -18.76 29.24
N PRO B 95 -26.48 -18.78 29.33
CA PRO B 95 -27.23 -19.98 29.77
C PRO B 95 -27.17 -21.17 28.78
N MET C 9 -26.65 4.65 -41.77
CA MET C 9 -26.99 5.71 -40.77
C MET C 9 -28.08 5.20 -39.83
N LYS C 10 -29.12 4.58 -40.38
CA LYS C 10 -30.06 3.85 -39.53
C LYS C 10 -29.42 2.53 -39.11
N GLN C 11 -28.41 2.10 -39.86
CA GLN C 11 -27.67 0.87 -39.54
C GLN C 11 -26.98 1.05 -38.18
N LEU C 12 -26.15 2.09 -38.10
CA LEU C 12 -25.49 2.47 -36.86
C LEU C 12 -26.50 2.54 -35.74
N GLU C 13 -27.48 3.43 -35.86
CA GLU C 13 -28.49 3.60 -34.81
C GLU C 13 -29.01 2.27 -34.27
N ASP C 14 -29.16 1.31 -35.15
CA ASP C 14 -29.61 -0.02 -34.75
C ASP C 14 -28.53 -0.69 -33.93
N LYS C 15 -27.30 -0.64 -34.44
CA LYS C 15 -26.19 -1.29 -33.76
C LYS C 15 -26.01 -0.70 -32.36
N VAL C 16 -26.15 0.62 -32.25
CA VAL C 16 -26.14 1.29 -30.98
C VAL C 16 -27.23 0.72 -30.07
N GLU C 17 -28.33 0.28 -30.66
CA GLU C 17 -29.51 -0.12 -29.90
C GLU C 17 -29.33 -1.51 -29.38
N GLU C 18 -28.84 -2.43 -30.22
CA GLU C 18 -28.61 -3.80 -29.76
C GLU C 18 -27.38 -3.93 -28.83
N LEU C 19 -26.37 -3.09 -29.06
CA LEU C 19 -25.18 -3.03 -28.21
C LEU C 19 -25.60 -2.58 -26.85
N LEU C 20 -26.40 -1.51 -26.79
CA LEU C 20 -26.94 -1.07 -25.49
C LEU C 20 -27.63 -2.21 -24.78
N SER C 21 -28.23 -3.10 -25.56
CA SER C 21 -29.07 -4.12 -24.97
C SER C 21 -28.16 -5.17 -24.44
N LYS C 22 -27.30 -5.68 -25.32
CA LYS C 22 -26.36 -6.71 -24.97
C LYS C 22 -25.58 -6.26 -23.74
N ASN C 23 -25.10 -5.01 -23.75
CA ASN C 23 -24.33 -4.48 -22.63
C ASN C 23 -25.16 -4.48 -21.33
N TYR C 24 -26.45 -4.15 -21.45
CA TYR C 24 -27.32 -4.18 -20.27
C TYR C 24 -27.45 -5.62 -19.71
N HIS C 25 -27.58 -6.59 -20.60
CA HIS C 25 -27.73 -7.97 -20.17
C HIS C 25 -26.48 -8.52 -19.54
N LEU C 26 -25.32 -8.11 -20.08
CA LEU C 26 -24.05 -8.53 -19.55
C LEU C 26 -23.82 -7.95 -18.15
N GLU C 27 -24.08 -6.64 -17.99
CA GLU C 27 -24.01 -5.98 -16.66
C GLU C 27 -24.86 -6.72 -15.63
N ASN C 28 -25.97 -7.20 -16.09
CA ASN C 28 -26.90 -7.80 -15.22
C ASN C 28 -26.33 -9.10 -14.77
N GLU C 29 -25.74 -9.81 -15.74
CA GLU C 29 -25.08 -11.06 -15.46
C GLU C 29 -23.90 -10.83 -14.51
N VAL C 30 -23.10 -9.80 -14.73
CA VAL C 30 -22.06 -9.48 -13.78
C VAL C 30 -22.64 -9.26 -12.36
N ALA C 31 -23.69 -8.45 -12.28
CA ALA C 31 -24.32 -8.14 -10.99
C ALA C 31 -24.77 -9.41 -10.31
N ARG C 32 -25.39 -10.32 -11.05
CA ARG C 32 -25.85 -11.55 -10.44
C ARG C 32 -24.72 -12.47 -9.99
N LEU C 33 -23.61 -12.46 -10.71
CA LEU C 33 -22.56 -13.40 -10.38
C LEU C 33 -21.71 -12.86 -9.22
N ARG C 34 -21.69 -11.54 -9.07
CA ARG C 34 -20.89 -10.90 -8.03
C ARG C 34 -21.61 -10.72 -6.67
N SER C 35 -22.93 -10.81 -6.67
CA SER C 35 -23.72 -10.61 -5.46
C SER C 35 -23.38 -11.63 -4.39
N ALA C 36 -23.33 -11.17 -3.16
CA ALA C 36 -22.83 -12.01 -2.08
C ALA C 36 -23.85 -13.04 -1.72
N PRO C 37 -23.42 -14.21 -1.32
CA PRO C 37 -24.41 -15.13 -0.81
C PRO C 37 -24.79 -14.90 0.64
N LEU C 38 -25.79 -15.63 1.08
CA LEU C 38 -26.14 -15.70 2.46
C LEU C 38 -25.88 -17.09 2.85
N LEU C 39 -25.60 -17.24 4.13
CA LEU C 39 -25.17 -18.47 4.70
C LEU C 39 -26.31 -19.05 5.47
N VAL C 40 -26.63 -20.30 5.25
CA VAL C 40 -27.74 -20.92 5.91
C VAL C 40 -27.37 -21.46 7.27
N GLY C 41 -28.29 -21.32 8.21
CA GLY C 41 -28.17 -21.92 9.53
C GLY C 41 -29.52 -22.13 10.16
N VAL C 42 -29.47 -22.64 11.37
CA VAL C 42 -30.64 -23.00 12.13
C VAL C 42 -30.63 -22.30 13.49
N VAL C 43 -31.77 -21.73 13.89
CA VAL C 43 -31.84 -21.03 15.15
C VAL C 43 -31.70 -22.10 16.23
N SER C 44 -30.76 -21.90 17.14
CA SER C 44 -30.59 -22.80 18.27
C SER C 44 -31.37 -22.34 19.52
N ASP C 45 -31.27 -21.07 19.88
CA ASP C 45 -32.04 -20.53 20.96
C ASP C 45 -31.96 -19.03 21.02
N ILE C 46 -32.97 -18.43 21.65
CA ILE C 46 -33.11 -16.97 21.67
C ILE C 46 -32.60 -16.51 23.02
N LEU C 47 -31.91 -15.37 23.02
CA LEU C 47 -31.35 -14.88 24.26
C LEU C 47 -32.17 -13.73 24.82
N GLU C 48 -32.17 -13.69 26.15
CA GLU C 48 -32.87 -12.68 26.95
C GLU C 48 -32.70 -11.29 26.35
N ASP C 49 -31.56 -10.99 25.74
CA ASP C 49 -31.30 -9.64 25.19
C ASP C 49 -31.73 -9.41 23.72
N GLY C 50 -32.34 -10.42 23.10
CA GLY C 50 -32.72 -10.35 21.68
C GLY C 50 -31.63 -10.71 20.69
N ARG C 51 -30.54 -11.28 21.18
CA ARG C 51 -29.56 -11.87 20.28
C ARG C 51 -29.85 -13.37 20.23
N VAL C 52 -29.54 -13.94 19.09
CA VAL C 52 -29.99 -15.26 18.80
C VAL C 52 -28.72 -16.08 18.70
N VAL C 53 -28.81 -17.32 19.13
CA VAL C 53 -27.76 -18.23 18.90
C VAL C 53 -28.15 -19.06 17.72
N VAL C 54 -27.28 -19.08 16.71
CA VAL C 54 -27.54 -19.82 15.48
C VAL C 54 -26.49 -20.89 15.29
N LYS C 55 -26.90 -22.07 14.83
CA LYS C 55 -25.95 -23.06 14.40
C LYS C 55 -25.73 -22.83 12.93
N SER C 56 -24.54 -22.39 12.54
CA SER C 56 -24.19 -22.25 11.12
C SER C 56 -24.12 -23.59 10.41
N SER C 57 -24.46 -23.62 9.13
CA SER C 57 -24.27 -24.84 8.34
C SER C 57 -22.78 -25.05 8.11
N THR C 58 -21.96 -24.00 8.27
CA THR C 58 -20.45 -24.17 8.32
C THR C 58 -19.94 -24.94 9.56
N GLY C 59 -20.80 -25.33 10.50
CA GLY C 59 -20.36 -26.03 11.72
C GLY C 59 -20.59 -25.37 13.07
N PRO C 60 -19.93 -24.25 13.35
CA PRO C 60 -20.05 -23.62 14.67
C PRO C 60 -21.41 -22.93 14.97
N LYS C 61 -21.57 -22.59 16.24
CA LYS C 61 -22.72 -21.87 16.73
C LYS C 61 -22.26 -20.44 16.99
N PHE C 62 -23.08 -19.46 16.68
CA PHE C 62 -22.72 -18.07 16.88
C PHE C 62 -23.83 -17.30 17.56
N VAL C 63 -23.45 -16.21 18.23
CA VAL C 63 -24.39 -15.26 18.79
C VAL C 63 -24.45 -14.16 17.80
N VAL C 64 -25.62 -13.90 17.27
CA VAL C 64 -25.72 -12.98 16.15
C VAL C 64 -26.86 -11.98 16.34
N ASN C 65 -26.78 -10.90 15.59
CA ASN C 65 -27.83 -9.95 15.53
C ASN C 65 -28.88 -10.38 14.51
N THR C 66 -30.03 -9.73 14.56
CA THR C 66 -31.13 -9.99 13.63
C THR C 66 -31.52 -8.72 12.92
N SER C 67 -31.95 -8.85 11.69
CA SER C 67 -32.43 -7.74 10.93
C SER C 67 -33.59 -7.10 11.68
N GLN C 68 -33.62 -5.77 11.69
CA GLN C 68 -34.77 -5.03 12.20
C GLN C 68 -36.05 -5.34 11.44
N TYR C 69 -35.98 -5.79 10.19
CA TYR C 69 -37.19 -6.11 9.45
C TYR C 69 -37.75 -7.51 9.69
N ILE C 70 -37.18 -8.27 10.61
CA ILE C 70 -37.59 -9.66 10.72
C ILE C 70 -38.67 -9.67 11.76
N ASN C 71 -39.81 -10.29 11.47
CA ASN C 71 -40.77 -10.63 12.52
C ASN C 71 -40.19 -11.60 13.56
N GLU C 72 -39.78 -11.06 14.71
CA GLU C 72 -39.18 -11.87 15.80
C GLU C 72 -40.06 -13.09 16.25
N GLU C 73 -41.36 -13.02 16.00
CA GLU C 73 -42.28 -14.15 16.19
C GLU C 73 -41.73 -15.41 15.47
N GLU C 74 -41.29 -15.23 14.22
CA GLU C 74 -40.81 -16.35 13.38
C GLU C 74 -39.51 -17.00 13.84
N LEU C 75 -38.76 -16.27 14.67
CA LEU C 75 -37.51 -16.75 15.22
C LEU C 75 -37.76 -17.67 16.38
N LYS C 76 -37.73 -18.95 16.09
CA LYS C 76 -37.80 -19.92 17.16
C LYS C 76 -36.87 -21.07 16.85
N PRO C 77 -36.55 -21.84 17.88
CA PRO C 77 -35.65 -22.93 17.64
C PRO C 77 -36.05 -23.80 16.46
N GLY C 78 -35.07 -24.27 15.70
CA GLY C 78 -35.31 -25.08 14.53
C GLY C 78 -35.61 -24.27 13.29
N ALA C 79 -35.91 -22.99 13.43
CA ALA C 79 -36.11 -22.14 12.29
C ALA C 79 -34.84 -22.08 11.42
N ARG C 80 -35.05 -22.27 10.13
CA ARG C 80 -33.98 -22.17 9.16
C ARG C 80 -33.80 -20.68 8.84
N VAL C 81 -32.56 -20.18 8.94
CA VAL C 81 -32.24 -18.76 8.74
C VAL C 81 -31.16 -18.53 7.74
N ALA C 82 -31.14 -17.34 7.16
CA ALA C 82 -30.12 -16.95 6.19
C ALA C 82 -29.28 -15.78 6.77
N LEU C 83 -27.94 -15.90 6.74
CA LEU C 83 -27.07 -15.02 7.50
C LEU C 83 -26.19 -14.24 6.56
N ASN C 84 -25.99 -12.96 6.87
CA ASN C 84 -24.95 -12.19 6.17
C ASN C 84 -23.62 -12.93 6.34
N GLN C 85 -22.83 -12.98 5.29
CA GLN C 85 -21.71 -13.92 5.27
C GLN C 85 -20.56 -13.41 6.14
N GLN C 86 -20.36 -12.10 6.23
CA GLN C 86 -19.34 -11.51 7.11
C GLN C 86 -19.81 -11.32 8.57
N THR C 87 -20.97 -10.70 8.81
CA THR C 87 -21.44 -10.40 10.16
C THR C 87 -22.30 -11.51 10.74
N LEU C 88 -22.76 -12.40 9.88
CA LEU C 88 -23.58 -13.51 10.37
C LEU C 88 -24.95 -13.06 10.98
N ALA C 89 -25.34 -11.81 10.71
CA ALA C 89 -26.67 -11.29 11.11
C ALA C 89 -27.74 -12.01 10.33
N ILE C 90 -28.84 -12.36 11.03
CA ILE C 90 -30.03 -12.97 10.42
C ILE C 90 -30.73 -12.02 9.48
N VAL C 91 -30.72 -12.33 8.19
CA VAL C 91 -31.27 -11.47 7.17
C VAL C 91 -32.70 -11.94 6.74
N ASN C 92 -32.95 -13.26 6.73
CA ASN C 92 -34.23 -13.84 6.33
C ASN C 92 -34.49 -15.04 7.19
N VAL C 93 -35.76 -15.28 7.47
CA VAL C 93 -36.17 -16.57 7.95
C VAL C 93 -36.65 -17.29 6.72
N LEU C 94 -36.20 -18.52 6.53
CA LEU C 94 -36.55 -19.31 5.37
C LEU C 94 -37.59 -20.38 5.71
N PRO C 95 -38.50 -20.69 4.78
CA PRO C 95 -39.51 -21.76 4.91
C PRO C 95 -39.07 -22.95 5.74
N MET D 9 -23.25 11.11 -36.97
CA MET D 9 -22.73 10.03 -37.88
C MET D 9 -21.31 9.63 -37.50
N LYS D 10 -20.45 10.65 -37.39
CA LYS D 10 -19.13 10.50 -36.80
C LYS D 10 -19.39 10.17 -35.34
N GLN D 11 -20.36 10.87 -34.76
CA GLN D 11 -20.84 10.59 -33.38
C GLN D 11 -21.39 9.17 -33.19
N LEU D 12 -22.23 8.72 -34.12
CA LEU D 12 -22.71 7.34 -34.08
C LEU D 12 -21.59 6.30 -34.12
N GLU D 13 -20.60 6.52 -34.98
CA GLU D 13 -19.56 5.53 -35.20
C GLU D 13 -18.68 5.51 -33.97
N ASP D 14 -18.53 6.68 -33.37
CA ASP D 14 -17.83 6.80 -32.12
C ASP D 14 -18.57 6.03 -31.04
N LYS D 15 -19.87 6.28 -30.93
CA LYS D 15 -20.72 5.59 -29.95
C LYS D 15 -20.68 4.08 -30.14
N VAL D 16 -20.61 3.64 -31.39
CA VAL D 16 -20.53 2.21 -31.62
C VAL D 16 -19.17 1.67 -31.14
N GLU D 17 -18.09 2.46 -31.31
CA GLU D 17 -16.78 1.97 -30.90
C GLU D 17 -16.78 1.87 -29.39
N GLU D 18 -17.36 2.88 -28.76
CA GLU D 18 -17.41 2.94 -27.32
C GLU D 18 -18.17 1.74 -26.78
N LEU D 19 -19.40 1.58 -27.25
CA LEU D 19 -20.24 0.51 -26.76
C LEU D 19 -19.66 -0.84 -27.07
N LEU D 20 -18.89 -0.93 -28.16
CA LEU D 20 -18.23 -2.21 -28.50
C LEU D 20 -17.09 -2.48 -27.55
N SER D 21 -16.39 -1.41 -27.16
CA SER D 21 -15.32 -1.56 -26.18
C SER D 21 -15.90 -1.98 -24.83
N LYS D 22 -16.96 -1.33 -24.44
CA LYS D 22 -17.66 -1.65 -23.22
C LYS D 22 -18.11 -3.13 -23.27
N ASN D 23 -18.73 -3.51 -24.38
CA ASN D 23 -19.17 -4.88 -24.56
C ASN D 23 -18.01 -5.85 -24.36
N TYR D 24 -16.87 -5.52 -24.97
CA TYR D 24 -15.73 -6.41 -24.89
C TYR D 24 -15.32 -6.65 -23.44
N HIS D 25 -15.18 -5.56 -22.71
CA HIS D 25 -14.81 -5.65 -21.31
C HIS D 25 -15.83 -6.41 -20.50
N LEU D 26 -17.12 -6.17 -20.78
CA LEU D 26 -18.17 -6.92 -20.10
C LEU D 26 -18.12 -8.41 -20.38
N GLU D 27 -17.86 -8.76 -21.62
CA GLU D 27 -17.74 -10.19 -21.98
C GLU D 27 -16.60 -10.86 -21.24
N ASN D 28 -15.45 -10.21 -21.19
CA ASN D 28 -14.30 -10.75 -20.45
C ASN D 28 -14.53 -10.94 -18.93
N GLU D 29 -15.18 -9.94 -18.34
CA GLU D 29 -15.65 -10.02 -16.97
C GLU D 29 -16.61 -11.18 -16.77
N VAL D 30 -17.58 -11.38 -17.66
CA VAL D 30 -18.53 -12.49 -17.44
C VAL D 30 -17.80 -13.83 -17.58
N ALA D 31 -16.85 -13.87 -18.50
CA ALA D 31 -16.09 -15.12 -18.74
C ALA D 31 -15.25 -15.50 -17.52
N ARG D 32 -14.57 -14.53 -16.92
CA ARG D 32 -13.84 -14.80 -15.69
C ARG D 32 -14.76 -15.33 -14.63
N LEU D 33 -15.85 -14.61 -14.36
CA LEU D 33 -16.82 -15.03 -13.34
C LEU D 33 -17.37 -16.44 -13.58
N ARG D 34 -17.50 -16.84 -14.84
CA ARG D 34 -18.08 -18.11 -15.19
C ARG D 34 -16.98 -19.16 -15.36
N SER D 35 -15.73 -18.76 -15.35
CA SER D 35 -14.69 -19.69 -15.70
C SER D 35 -14.39 -20.70 -14.59
N ALA D 36 -13.78 -21.82 -14.96
CA ALA D 36 -13.29 -22.82 -14.01
C ALA D 36 -12.07 -22.25 -13.30
N PRO D 37 -11.79 -22.71 -12.10
CA PRO D 37 -12.45 -23.76 -11.32
C PRO D 37 -13.78 -23.29 -10.69
N LEU D 38 -14.73 -24.21 -10.64
CA LEU D 38 -16.01 -23.92 -10.09
C LEU D 38 -16.26 -25.00 -9.06
N LEU D 39 -16.97 -24.63 -8.03
CA LEU D 39 -17.25 -25.55 -6.96
C LEU D 39 -18.53 -26.27 -7.34
N VAL D 40 -18.57 -27.55 -7.07
CA VAL D 40 -19.76 -28.33 -7.32
C VAL D 40 -20.65 -28.24 -6.12
N GLY D 41 -21.94 -28.19 -6.37
CA GLY D 41 -22.94 -28.30 -5.32
C GLY D 41 -24.25 -28.90 -5.84
N VAL D 42 -25.23 -28.99 -4.96
CA VAL D 42 -26.50 -29.61 -5.24
C VAL D 42 -27.65 -28.70 -4.82
N VAL D 43 -28.59 -28.43 -5.72
CA VAL D 43 -29.67 -27.55 -5.40
C VAL D 43 -30.46 -28.21 -4.29
N SER D 44 -30.85 -27.43 -3.29
CA SER D 44 -31.58 -27.97 -2.16
C SER D 44 -33.02 -27.50 -2.24
N ASP D 45 -33.24 -26.22 -2.49
CA ASP D 45 -34.57 -25.78 -2.79
C ASP D 45 -34.57 -24.37 -3.37
N ILE D 46 -35.73 -23.96 -3.86
CA ILE D 46 -35.86 -22.75 -4.67
C ILE D 46 -36.81 -21.81 -3.97
N LEU D 47 -36.42 -20.55 -3.85
CA LEU D 47 -37.22 -19.64 -3.07
C LEU D 47 -38.11 -18.80 -3.98
N GLU D 48 -39.28 -18.47 -3.43
CA GLU D 48 -40.24 -17.61 -4.08
C GLU D 48 -39.55 -16.48 -4.84
N ASP D 49 -38.64 -15.75 -4.23
CA ASP D 49 -37.95 -14.65 -4.98
C ASP D 49 -36.94 -15.09 -6.05
N GLY D 50 -36.79 -16.39 -6.28
CA GLY D 50 -35.90 -16.88 -7.33
C GLY D 50 -34.43 -17.08 -6.96
N ARG D 51 -34.09 -16.86 -5.70
CA ARG D 51 -32.77 -17.25 -5.19
C ARG D 51 -32.82 -18.73 -4.83
N VAL D 52 -31.67 -19.38 -4.81
CA VAL D 52 -31.66 -20.83 -4.64
C VAL D 52 -30.86 -21.21 -3.42
N VAL D 53 -31.33 -22.16 -2.66
CA VAL D 53 -30.53 -22.74 -1.64
C VAL D 53 -29.77 -23.89 -2.22
N VAL D 54 -28.43 -23.85 -2.11
CA VAL D 54 -27.53 -24.93 -2.57
C VAL D 54 -26.72 -25.48 -1.43
N LYS D 55 -26.49 -26.78 -1.40
CA LYS D 55 -25.45 -27.36 -0.55
C LYS D 55 -24.15 -27.47 -1.32
N SER D 56 -23.09 -26.79 -0.90
CA SER D 56 -21.79 -26.93 -1.60
C SER D 56 -21.14 -28.21 -1.17
N SER D 57 -20.38 -28.81 -2.06
CA SER D 57 -19.53 -29.96 -1.72
C SER D 57 -18.45 -29.58 -0.67
N THR D 58 -18.19 -28.28 -0.44
CA THR D 58 -17.39 -27.87 0.73
C THR D 58 -18.12 -28.05 2.07
N GLY D 59 -19.38 -28.50 2.08
CA GLY D 59 -20.16 -28.71 3.32
C GLY D 59 -21.39 -27.81 3.62
N PRO D 60 -21.20 -26.51 3.77
CA PRO D 60 -22.31 -25.62 4.11
C PRO D 60 -23.35 -25.41 3.03
N LYS D 61 -24.47 -24.83 3.43
CA LYS D 61 -25.53 -24.47 2.55
C LYS D 61 -25.57 -22.96 2.43
N PHE D 62 -25.99 -22.49 1.25
CA PHE D 62 -25.99 -21.06 0.93
C PHE D 62 -27.23 -20.70 0.17
N VAL D 63 -27.58 -19.43 0.26
CA VAL D 63 -28.61 -18.87 -0.54
C VAL D 63 -27.91 -18.05 -1.57
N VAL D 64 -28.16 -18.38 -2.83
CA VAL D 64 -27.33 -17.81 -3.86
C VAL D 64 -28.12 -17.25 -5.04
N ASN D 65 -27.43 -16.46 -5.82
CA ASN D 65 -27.96 -15.99 -7.02
C ASN D 65 -27.69 -17.01 -8.12
N THR D 66 -28.17 -16.73 -9.33
CA THR D 66 -28.01 -17.65 -10.45
C THR D 66 -27.68 -16.85 -11.69
N SER D 67 -27.02 -17.46 -12.65
CA SER D 67 -26.80 -16.83 -13.95
C SER D 67 -28.17 -16.67 -14.63
N GLN D 68 -28.35 -15.63 -15.42
CA GLN D 68 -29.57 -15.50 -16.18
C GLN D 68 -29.69 -16.47 -17.33
N TYR D 69 -28.63 -17.19 -17.64
CA TYR D 69 -28.61 -18.06 -18.82
C TYR D 69 -28.75 -19.50 -18.40
N ILE D 70 -29.35 -19.74 -17.25
CA ILE D 70 -29.54 -21.11 -16.82
C ILE D 70 -30.87 -21.50 -17.38
N ASN D 71 -31.04 -22.76 -17.74
CA ASN D 71 -32.38 -23.21 -18.10
C ASN D 71 -33.14 -23.54 -16.83
N GLU D 72 -34.13 -22.70 -16.51
CA GLU D 72 -34.88 -22.85 -15.26
C GLU D 72 -35.49 -24.25 -15.14
N GLU D 73 -35.82 -24.85 -16.29
CA GLU D 73 -36.37 -26.20 -16.30
C GLU D 73 -35.49 -27.23 -15.57
N GLU D 74 -34.17 -27.13 -15.70
CA GLU D 74 -33.26 -28.11 -15.08
C GLU D 74 -32.91 -27.76 -13.64
N LEU D 75 -33.24 -26.52 -13.27
CA LEU D 75 -32.91 -25.95 -11.98
C LEU D 75 -33.91 -26.39 -10.93
N LYS D 76 -33.69 -27.55 -10.32
CA LYS D 76 -34.61 -28.06 -9.32
C LYS D 76 -33.94 -28.88 -8.23
N PRO D 77 -34.65 -29.15 -7.16
CA PRO D 77 -34.06 -29.97 -6.11
C PRO D 77 -33.33 -31.18 -6.60
N GLY D 78 -32.15 -31.43 -6.03
CA GLY D 78 -31.26 -32.54 -6.38
C GLY D 78 -30.34 -32.26 -7.55
N ALA D 79 -30.61 -31.22 -8.32
CA ALA D 79 -29.78 -30.89 -9.48
C ALA D 79 -28.37 -30.55 -9.03
N ARG D 80 -27.41 -31.14 -9.72
CA ARG D 80 -26.02 -30.87 -9.46
C ARG D 80 -25.70 -29.53 -10.13
N VAL D 81 -24.96 -28.66 -9.44
CA VAL D 81 -24.62 -27.33 -9.99
C VAL D 81 -23.15 -26.98 -9.83
N ALA D 82 -22.74 -26.00 -10.62
CA ALA D 82 -21.42 -25.46 -10.68
C ALA D 82 -21.50 -24.04 -10.15
N LEU D 83 -20.74 -23.76 -9.07
CA LEU D 83 -20.79 -22.48 -8.34
C LEU D 83 -19.54 -21.70 -8.48
N ASN D 84 -19.67 -20.42 -8.77
CA ASN D 84 -18.59 -19.47 -8.64
C ASN D 84 -17.99 -19.63 -7.22
N GLN D 85 -16.69 -19.57 -7.09
CA GLN D 85 -16.06 -19.93 -5.82
C GLN D 85 -16.15 -18.82 -4.77
N GLN D 86 -16.08 -17.59 -5.24
CA GLN D 86 -16.13 -16.42 -4.41
C GLN D 86 -17.52 -16.18 -3.90
N THR D 87 -18.53 -16.17 -4.79
CA THR D 87 -19.93 -15.79 -4.43
C THR D 87 -20.91 -16.96 -4.28
N LEU D 88 -20.48 -18.12 -4.74
CA LEU D 88 -21.34 -19.29 -4.81
C LEU D 88 -22.54 -19.17 -5.76
N ALA D 89 -22.56 -18.16 -6.61
CA ALA D 89 -23.59 -18.06 -7.65
C ALA D 89 -23.62 -19.27 -8.55
N ILE D 90 -24.83 -19.67 -8.99
CA ILE D 90 -25.02 -20.85 -9.83
C ILE D 90 -24.68 -20.41 -11.24
N VAL D 91 -23.70 -21.05 -11.84
CA VAL D 91 -23.17 -20.64 -13.15
C VAL D 91 -23.63 -21.57 -14.26
N ASN D 92 -23.83 -22.85 -13.94
CA ASN D 92 -24.23 -23.92 -14.85
C ASN D 92 -24.99 -24.95 -14.01
N VAL D 93 -26.06 -25.52 -14.57
CA VAL D 93 -26.55 -26.78 -14.06
C VAL D 93 -25.70 -27.85 -14.74
N LEU D 94 -25.30 -28.86 -13.99
CA LEU D 94 -24.57 -30.01 -14.51
C LEU D 94 -25.53 -31.23 -14.56
N PRO D 95 -25.25 -32.25 -15.41
CA PRO D 95 -25.80 -33.62 -15.24
C PRO D 95 -25.28 -34.38 -14.01
N MET E 9 46.85 -16.54 -2.82
CA MET E 9 46.34 -16.09 -4.15
C MET E 9 45.63 -17.23 -4.85
N LYS E 10 46.22 -18.41 -4.84
CA LYS E 10 45.48 -19.60 -5.26
C LYS E 10 44.53 -20.01 -4.14
N GLN E 11 44.83 -19.55 -2.92
CA GLN E 11 43.98 -19.85 -1.77
C GLN E 11 42.59 -19.22 -2.02
N LEU E 12 42.60 -17.90 -2.24
CA LEU E 12 41.41 -17.16 -2.60
C LEU E 12 40.67 -17.86 -3.72
N GLU E 13 41.31 -17.99 -4.87
CA GLU E 13 40.66 -18.61 -6.03
C GLU E 13 39.92 -19.89 -5.68
N ASP E 14 40.47 -20.66 -4.75
CA ASP E 14 39.84 -21.88 -4.28
C ASP E 14 38.59 -21.53 -3.50
N LYS E 15 38.75 -20.59 -2.57
CA LYS E 15 37.64 -20.20 -1.72
C LYS E 15 36.48 -19.67 -2.56
N VAL E 16 36.80 -18.87 -3.58
CA VAL E 16 35.83 -18.43 -4.55
C VAL E 16 35.13 -19.62 -5.21
N GLU E 17 35.84 -20.74 -5.34
CA GLU E 17 35.36 -21.88 -6.10
C GLU E 17 34.40 -22.67 -5.25
N GLU E 18 34.77 -22.92 -3.99
CA GLU E 18 33.88 -23.69 -3.12
C GLU E 18 32.65 -22.88 -2.66
N LEU E 19 32.84 -21.56 -2.48
CA LEU E 19 31.78 -20.64 -2.15
C LEU E 19 30.76 -20.65 -3.27
N LEU E 20 31.24 -20.52 -4.50
CA LEU E 20 30.32 -20.63 -5.65
C LEU E 20 29.51 -21.91 -5.57
N SER E 21 30.11 -22.95 -5.05
CA SER E 21 29.50 -24.25 -5.12
C SER E 21 28.47 -24.30 -4.03
N LYS E 22 28.91 -23.99 -2.82
CA LYS E 22 28.03 -24.00 -1.66
C LYS E 22 26.82 -23.11 -1.98
N ASN E 23 27.08 -21.93 -2.56
CA ASN E 23 26.00 -21.02 -2.91
C ASN E 23 25.03 -21.61 -3.93
N TYR E 24 25.57 -22.34 -4.89
CA TYR E 24 24.72 -23.00 -5.89
C TYR E 24 23.84 -24.07 -5.22
N HIS E 25 24.38 -24.82 -4.28
CA HIS E 25 23.62 -25.85 -3.62
C HIS E 25 22.54 -25.28 -2.71
N LEU E 26 22.85 -24.15 -2.06
CA LEU E 26 21.90 -23.50 -1.20
C LEU E 26 20.72 -22.93 -2.03
N GLU E 27 21.04 -22.26 -3.14
CA GLU E 27 20.00 -21.76 -4.08
C GLU E 27 19.06 -22.87 -4.51
N ASN E 28 19.63 -24.03 -4.70
CA ASN E 28 18.91 -25.13 -5.19
C ASN E 28 17.96 -25.58 -4.14
N GLU E 29 18.47 -25.61 -2.91
CA GLU E 29 17.65 -25.99 -1.76
C GLU E 29 16.52 -24.96 -1.57
N VAL E 30 16.83 -23.68 -1.67
CA VAL E 30 15.77 -22.69 -1.65
C VAL E 30 14.71 -22.97 -2.74
N ALA E 31 15.17 -23.20 -3.96
CA ALA E 31 14.25 -23.46 -5.08
C ALA E 31 13.36 -24.66 -4.78
N ARG E 32 13.92 -25.72 -4.24
CA ARG E 32 13.12 -26.89 -3.94
C ARG E 32 12.13 -26.66 -2.82
N LEU E 33 12.50 -25.85 -1.82
CA LEU E 33 11.64 -25.70 -0.68
C LEU E 33 10.52 -24.70 -0.97
N ARG E 34 10.78 -23.80 -1.92
CA ARG E 34 9.81 -22.78 -2.27
C ARG E 34 8.84 -23.18 -3.38
N SER E 35 9.15 -24.22 -4.13
CA SER E 35 8.30 -24.68 -5.25
C SER E 35 6.92 -25.09 -4.76
N ALA E 36 5.90 -24.77 -5.54
CA ALA E 36 4.52 -24.96 -5.11
C ALA E 36 4.18 -26.40 -5.20
N PRO E 37 3.33 -26.88 -4.31
CA PRO E 37 2.87 -28.23 -4.48
C PRO E 37 1.73 -28.37 -5.45
N LEU E 38 1.37 -29.60 -5.74
CA LEU E 38 0.17 -29.90 -6.48
C LEU E 38 -0.67 -30.66 -5.54
N LEU E 39 -1.96 -30.57 -5.79
CA LEU E 39 -2.95 -31.05 -4.90
C LEU E 39 -3.54 -32.28 -5.51
N VAL E 40 -3.61 -33.35 -4.75
CA VAL E 40 -4.11 -34.60 -5.30
C VAL E 40 -5.63 -34.69 -5.27
N GLY E 41 -6.18 -35.28 -6.32
CA GLY E 41 -7.60 -35.59 -6.36
C GLY E 41 -7.89 -36.74 -7.29
N VAL E 42 -9.16 -37.06 -7.41
CA VAL E 42 -9.63 -38.15 -8.20
C VAL E 42 -10.66 -37.68 -9.21
N VAL E 43 -10.54 -38.12 -10.45
CA VAL E 43 -11.48 -37.72 -11.48
C VAL E 43 -12.80 -38.33 -11.12
N SER E 44 -13.85 -37.51 -11.05
CA SER E 44 -15.19 -38.00 -10.78
C SER E 44 -15.99 -38.26 -12.07
N ASP E 45 -15.97 -37.32 -13.01
CA ASP E 45 -16.60 -37.52 -14.29
C ASP E 45 -16.23 -36.43 -15.27
N ILE E 46 -16.35 -36.77 -16.55
CA ILE E 46 -15.89 -35.91 -17.63
C ILE E 46 -17.11 -35.22 -18.18
N LEU E 47 -16.97 -33.96 -18.53
CA LEU E 47 -18.11 -33.22 -19.02
C LEU E 47 -18.06 -33.02 -20.54
N GLU E 48 -19.27 -33.01 -21.09
CA GLU E 48 -19.52 -32.85 -22.53
C GLU E 48 -18.61 -31.78 -23.11
N ASP E 49 -18.28 -30.74 -22.36
CA ASP E 49 -17.44 -29.65 -22.89
C ASP E 49 -15.90 -29.80 -22.71
N GLY E 50 -15.47 -30.94 -22.16
CA GLY E 50 -14.04 -31.20 -21.89
C GLY E 50 -13.54 -30.63 -20.56
N ARG E 51 -14.46 -30.22 -19.70
CA ARG E 51 -14.09 -29.87 -18.35
C ARG E 51 -14.39 -31.08 -17.49
N VAL E 52 -13.60 -31.25 -16.46
CA VAL E 52 -13.59 -32.47 -15.72
C VAL E 52 -14.10 -32.11 -14.37
N VAL E 53 -14.85 -32.99 -13.75
CA VAL E 53 -15.19 -32.82 -12.38
C VAL E 53 -14.24 -33.66 -11.59
N VAL E 54 -13.56 -33.02 -10.65
CA VAL E 54 -12.57 -33.70 -9.79
C VAL E 54 -13.02 -33.65 -8.35
N LYS E 55 -12.85 -34.75 -7.62
CA LYS E 55 -12.99 -34.71 -6.19
C LYS E 55 -11.65 -34.39 -5.61
N SER E 56 -11.48 -33.22 -4.99
CA SER E 56 -10.23 -32.87 -4.32
C SER E 56 -10.00 -33.70 -3.07
N SER E 57 -8.74 -33.98 -2.75
CA SER E 57 -8.42 -34.65 -1.51
C SER E 57 -8.68 -33.71 -0.33
N THR E 58 -8.72 -32.38 -0.59
CA THR E 58 -9.22 -31.40 0.43
C THR E 58 -10.72 -31.55 0.77
N GLY E 59 -11.48 -32.45 0.13
CA GLY E 59 -12.93 -32.60 0.39
C GLY E 59 -13.92 -32.31 -0.76
N PRO E 60 -14.02 -31.07 -1.22
CA PRO E 60 -15.01 -30.73 -2.27
C PRO E 60 -14.73 -31.29 -3.67
N LYS E 61 -15.74 -31.15 -4.52
CA LYS E 61 -15.65 -31.52 -5.93
C LYS E 61 -15.60 -30.21 -6.71
N PHE E 62 -14.80 -30.16 -7.76
CA PHE E 62 -14.66 -28.98 -8.57
C PHE E 62 -14.75 -29.28 -10.06
N VAL E 63 -15.15 -28.27 -10.82
CA VAL E 63 -15.13 -28.32 -12.26
C VAL E 63 -13.88 -27.62 -12.67
N VAL E 64 -12.97 -28.31 -13.32
CA VAL E 64 -11.66 -27.75 -13.55
C VAL E 64 -11.24 -27.91 -15.00
N ASN E 65 -10.26 -27.11 -15.40
CA ASN E 65 -9.63 -27.28 -16.66
C ASN E 65 -8.53 -28.35 -16.61
N THR E 66 -8.05 -28.74 -17.79
CA THR E 66 -7.01 -29.75 -17.91
C THR E 66 -5.87 -29.20 -18.75
N SER E 67 -4.67 -29.60 -18.43
CA SER E 67 -3.50 -29.21 -19.17
C SER E 67 -3.66 -29.63 -20.64
N GLN E 68 -3.29 -28.74 -21.54
CA GLN E 68 -3.24 -29.09 -22.96
C GLN E 68 -2.31 -30.27 -23.24
N TYR E 69 -1.30 -30.51 -22.40
CA TYR E 69 -0.38 -31.62 -22.61
C TYR E 69 -0.87 -32.98 -22.08
N ILE E 70 -2.09 -33.07 -21.58
CA ILE E 70 -2.48 -34.32 -20.97
C ILE E 70 -3.17 -35.13 -22.04
N ASN E 71 -2.76 -36.38 -22.19
CA ASN E 71 -3.56 -37.31 -22.98
C ASN E 71 -4.95 -37.54 -22.36
N GLU E 72 -5.95 -36.90 -22.95
CA GLU E 72 -7.35 -37.01 -22.47
C GLU E 72 -7.90 -38.46 -22.40
N GLU E 73 -7.28 -39.38 -23.14
CA GLU E 73 -7.55 -40.81 -22.99
C GLU E 73 -7.41 -41.24 -21.52
N GLU E 74 -6.34 -40.79 -20.86
CA GLU E 74 -6.04 -41.19 -19.47
C GLU E 74 -7.00 -40.66 -18.41
N LEU E 75 -7.75 -39.62 -18.79
CA LEU E 75 -8.76 -39.02 -17.91
C LEU E 75 -10.03 -39.81 -17.88
N LYS E 76 -10.15 -40.67 -16.89
CA LYS E 76 -11.38 -41.38 -16.71
C LYS E 76 -11.69 -41.48 -15.23
N PRO E 77 -12.95 -41.74 -14.93
CA PRO E 77 -13.30 -41.81 -13.53
C PRO E 77 -12.36 -42.69 -12.72
N GLY E 78 -12.07 -42.29 -11.50
CA GLY E 78 -11.18 -43.01 -10.62
C GLY E 78 -9.73 -42.70 -10.84
N ALA E 79 -9.39 -42.07 -11.96
CA ALA E 79 -8.02 -41.64 -12.20
C ALA E 79 -7.56 -40.67 -11.11
N ARG E 80 -6.37 -40.92 -10.60
CA ARG E 80 -5.75 -40.05 -9.64
C ARG E 80 -5.08 -38.92 -10.38
N VAL E 81 -5.38 -37.66 -10.00
CA VAL E 81 -4.84 -36.49 -10.69
C VAL E 81 -4.14 -35.53 -9.78
N ALA E 82 -3.26 -34.72 -10.32
CA ALA E 82 -2.54 -33.69 -9.57
C ALA E 82 -2.95 -32.29 -10.12
N LEU E 83 -3.33 -31.38 -9.21
CA LEU E 83 -3.99 -30.14 -9.56
C LEU E 83 -3.13 -28.96 -9.17
N ASN E 84 -3.07 -27.96 -10.03
CA ASN E 84 -2.49 -26.68 -9.63
C ASN E 84 -3.23 -26.18 -8.36
N GLN E 85 -2.49 -25.64 -7.41
CA GLN E 85 -3.06 -25.43 -6.09
C GLN E 85 -4.01 -24.24 -6.08
N GLN E 86 -3.77 -23.21 -6.88
CA GLN E 86 -4.67 -22.05 -7.01
C GLN E 86 -5.82 -22.26 -8.00
N THR E 87 -5.51 -22.68 -9.24
CA THR E 87 -6.57 -22.83 -10.28
C THR E 87 -7.20 -24.20 -10.28
N LEU E 88 -6.59 -25.15 -9.61
CA LEU E 88 -7.12 -26.53 -9.58
C LEU E 88 -7.16 -27.23 -10.98
N ALA E 89 -6.43 -26.68 -11.96
CA ALA E 89 -6.28 -27.33 -13.28
C ALA E 89 -5.49 -28.62 -13.13
N ILE E 90 -5.95 -29.66 -13.85
CA ILE E 90 -5.24 -30.94 -13.93
C ILE E 90 -3.89 -30.81 -14.63
N VAL E 91 -2.82 -31.01 -13.88
CA VAL E 91 -1.46 -30.83 -14.39
C VAL E 91 -0.83 -32.23 -14.79
N ASN E 92 -1.16 -33.30 -14.04
CA ASN E 92 -0.62 -34.64 -14.28
C ASN E 92 -1.68 -35.64 -13.97
N VAL E 93 -1.65 -36.75 -14.70
CA VAL E 93 -2.36 -37.91 -14.28
C VAL E 93 -1.33 -38.76 -13.58
N LEU E 94 -1.66 -39.26 -12.40
CA LEU E 94 -0.75 -40.06 -11.61
C LEU E 94 -1.11 -41.54 -11.66
N PRO E 95 -0.08 -42.41 -11.64
CA PRO E 95 -0.24 -43.88 -11.58
C PRO E 95 -1.45 -44.36 -10.80
N MET F 9 43.41 -9.65 -7.01
CA MET F 9 43.80 -10.02 -5.60
C MET F 9 42.97 -9.23 -4.61
N LYS F 10 42.94 -7.91 -4.82
CA LYS F 10 42.00 -7.03 -4.14
C LYS F 10 40.63 -7.46 -4.65
N GLN F 11 40.56 -7.70 -5.96
CA GLN F 11 39.35 -8.25 -6.62
C GLN F 11 38.91 -9.62 -6.10
N LEU F 12 39.84 -10.54 -5.94
CA LEU F 12 39.54 -11.82 -5.30
C LEU F 12 38.98 -11.72 -3.88
N GLU F 13 39.55 -10.84 -3.08
CA GLU F 13 39.17 -10.72 -1.68
C GLU F 13 37.80 -10.09 -1.62
N ASP F 14 37.56 -9.20 -2.57
CA ASP F 14 36.24 -8.58 -2.72
C ASP F 14 35.23 -9.65 -3.09
N LYS F 15 35.55 -10.44 -4.11
CA LYS F 15 34.68 -11.53 -4.55
C LYS F 15 34.41 -12.51 -3.42
N VAL F 16 35.41 -12.76 -2.59
CA VAL F 16 35.19 -13.65 -1.46
C VAL F 16 34.20 -13.00 -0.44
N GLU F 17 34.29 -11.69 -0.24
CA GLU F 17 33.41 -11.05 0.72
C GLU F 17 31.99 -11.13 0.18
N GLU F 18 31.87 -10.86 -1.10
CA GLU F 18 30.58 -10.87 -1.75
C GLU F 18 29.94 -12.24 -1.65
N LEU F 19 30.64 -13.26 -2.09
CA LEU F 19 30.12 -14.59 -2.10
C LEU F 19 29.84 -15.06 -0.68
N LEU F 20 30.60 -14.57 0.29
CA LEU F 20 30.36 -14.95 1.69
C LEU F 20 29.09 -14.30 2.19
N SER F 21 28.86 -13.07 1.77
CA SER F 21 27.65 -12.37 2.11
C SER F 21 26.45 -13.07 1.50
N LYS F 22 26.58 -13.42 0.24
CA LYS F 22 25.55 -14.15 -0.45
C LYS F 22 25.27 -15.47 0.30
N ASN F 23 26.34 -16.21 0.61
CA ASN F 23 26.24 -17.44 1.35
C ASN F 23 25.44 -17.24 2.64
N TYR F 24 25.78 -16.16 3.36
CA TYR F 24 25.14 -15.90 4.62
C TYR F 24 23.64 -15.74 4.49
N HIS F 25 23.26 -14.92 3.52
CA HIS F 25 21.85 -14.72 3.24
C HIS F 25 21.18 -16.00 2.82
N LEU F 26 21.85 -16.78 1.97
CA LEU F 26 21.26 -18.07 1.54
C LEU F 26 21.04 -19.03 2.70
N GLU F 27 22.01 -19.09 3.61
CA GLU F 27 21.88 -19.96 4.77
C GLU F 27 20.70 -19.57 5.64
N ASN F 28 20.55 -18.27 5.92
CA ASN F 28 19.39 -17.79 6.68
C ASN F 28 18.03 -18.11 6.03
N GLU F 29 17.97 -17.91 4.72
CA GLU F 29 16.80 -18.28 3.95
C GLU F 29 16.55 -19.78 4.05
N VAL F 30 17.57 -20.62 3.96
CA VAL F 30 17.29 -22.07 4.03
C VAL F 30 16.81 -22.44 5.41
N ALA F 31 17.39 -21.81 6.42
CA ALA F 31 17.02 -22.09 7.82
C ALA F 31 15.56 -21.71 8.08
N ARG F 32 15.13 -20.54 7.62
CA ARG F 32 13.73 -20.17 7.78
C ARG F 32 12.86 -21.22 7.14
N LEU F 33 13.13 -21.54 5.88
CA LEU F 33 12.33 -22.53 5.15
C LEU F 33 12.27 -23.88 5.85
N ARG F 34 13.32 -24.24 6.55
CA ARG F 34 13.42 -25.54 7.19
C ARG F 34 12.98 -25.45 8.66
N SER F 35 12.76 -24.25 9.15
CA SER F 35 12.50 -24.11 10.58
C SER F 35 11.10 -24.56 10.99
N ALA F 36 10.96 -24.89 12.26
CA ALA F 36 9.65 -25.18 12.86
C ALA F 36 8.84 -23.89 12.93
N PRO F 37 7.54 -23.99 12.92
CA PRO F 37 6.69 -25.19 12.92
C PRO F 37 6.62 -25.87 11.55
N LEU F 38 6.58 -27.18 11.58
CA LEU F 38 6.49 -27.96 10.38
C LEU F 38 5.32 -28.89 10.54
N LEU F 39 4.64 -29.14 9.43
CA LEU F 39 3.47 -29.95 9.45
C LEU F 39 3.96 -31.39 9.32
N VAL F 40 3.36 -32.28 10.06
CA VAL F 40 3.66 -33.68 9.95
C VAL F 40 2.81 -34.31 8.88
N GLY F 41 3.42 -35.22 8.14
CA GLY F 41 2.72 -36.02 7.15
C GLY F 41 3.36 -37.39 6.96
N VAL F 42 2.78 -38.16 6.06
CA VAL F 42 3.19 -39.51 5.80
C VAL F 42 3.40 -39.74 4.31
N VAL F 43 4.57 -40.27 3.93
CA VAL F 43 4.81 -40.48 2.53
C VAL F 43 3.82 -41.50 2.04
N SER F 44 3.23 -41.26 0.88
CA SER F 44 2.24 -42.17 0.32
C SER F 44 2.84 -42.94 -0.85
N ASP F 45 3.51 -42.25 -1.75
CA ASP F 45 4.28 -42.94 -2.74
C ASP F 45 5.21 -41.98 -3.48
N ILE F 46 6.12 -42.55 -4.26
CA ILE F 46 7.25 -41.82 -4.83
C ILE F 46 7.13 -41.89 -6.35
N LEU F 47 7.29 -40.76 -7.01
CA LEU F 47 7.07 -40.73 -8.44
C LEU F 47 8.39 -40.85 -9.17
N GLU F 48 8.29 -41.46 -10.36
CA GLU F 48 9.41 -41.60 -11.27
C GLU F 48 10.27 -40.34 -11.30
N ASP F 49 9.66 -39.17 -11.45
CA ASP F 49 10.48 -37.90 -11.47
C ASP F 49 11.05 -37.45 -10.11
N GLY F 50 10.86 -38.25 -9.07
CA GLY F 50 11.44 -37.92 -7.76
C GLY F 50 10.65 -36.96 -6.88
N ARG F 51 9.47 -36.56 -7.33
CA ARG F 51 8.53 -35.85 -6.46
C ARG F 51 7.78 -36.87 -5.64
N VAL F 52 7.25 -36.45 -4.49
CA VAL F 52 6.65 -37.43 -3.57
C VAL F 52 5.22 -37.07 -3.31
N VAL F 53 4.35 -38.06 -3.26
CA VAL F 53 3.03 -37.86 -2.78
C VAL F 53 3.02 -38.09 -1.29
N VAL F 54 2.56 -37.08 -0.53
CA VAL F 54 2.43 -37.17 0.94
C VAL F 54 1.00 -36.92 1.33
N LYS F 55 0.53 -37.62 2.35
CA LYS F 55 -0.71 -37.23 3.04
C LYS F 55 -0.38 -36.35 4.23
N SER F 56 -0.88 -35.10 4.27
CA SER F 56 -0.63 -34.23 5.43
C SER F 56 -1.58 -34.62 6.50
N SER F 57 -1.15 -34.47 7.76
CA SER F 57 -2.03 -34.61 8.91
C SER F 57 -3.19 -33.57 8.87
N THR F 58 -3.06 -32.49 8.09
CA THR F 58 -4.23 -31.62 7.84
C THR F 58 -5.31 -32.29 6.98
N GLY F 59 -5.10 -33.53 6.48
CA GLY F 59 -6.08 -34.25 5.66
C GLY F 59 -5.76 -34.56 4.18
N PRO F 60 -5.55 -33.54 3.35
CA PRO F 60 -5.33 -33.76 1.93
C PRO F 60 -3.99 -34.38 1.56
N LYS F 61 -3.91 -34.80 0.31
CA LYS F 61 -2.68 -35.35 -0.25
C LYS F 61 -2.10 -34.38 -1.25
N PHE F 62 -0.77 -34.37 -1.31
CA PHE F 62 -0.07 -33.42 -2.15
C PHE F 62 1.05 -34.11 -2.84
N VAL F 63 1.45 -33.51 -3.95
CA VAL F 63 2.64 -33.88 -4.65
C VAL F 63 3.63 -32.79 -4.37
N VAL F 64 4.74 -33.17 -3.76
CA VAL F 64 5.64 -32.20 -3.23
C VAL F 64 7.12 -32.41 -3.64
N ASN F 65 7.89 -31.36 -3.46
CA ASN F 65 9.27 -31.44 -3.60
C ASN F 65 9.89 -31.94 -2.30
N THR F 66 11.21 -32.08 -2.28
CA THR F 66 11.92 -32.58 -1.12
C THR F 66 13.20 -31.79 -0.98
N SER F 67 13.73 -31.71 0.24
CA SER F 67 15.04 -31.12 0.46
C SER F 67 16.08 -32.03 -0.22
N GLN F 68 17.16 -31.45 -0.71
CA GLN F 68 18.23 -32.27 -1.25
C GLN F 68 19.05 -32.98 -0.20
N TYR F 69 18.80 -32.71 1.08
CA TYR F 69 19.62 -33.28 2.15
C TYR F 69 18.86 -34.35 2.87
N ILE F 70 17.89 -34.96 2.22
CA ILE F 70 17.15 -36.03 2.84
C ILE F 70 17.91 -37.27 2.52
N ASN F 71 17.90 -38.26 3.40
CA ASN F 71 18.46 -39.54 3.02
C ASN F 71 17.39 -40.34 2.26
N GLU F 72 17.64 -40.52 0.96
CA GLU F 72 16.65 -41.17 0.10
C GLU F 72 16.29 -42.55 0.63
N GLU F 73 17.26 -43.21 1.28
CA GLU F 73 17.02 -44.52 1.87
C GLU F 73 15.81 -44.57 2.82
N GLU F 74 15.59 -43.53 3.62
CA GLU F 74 14.49 -43.51 4.59
C GLU F 74 13.18 -43.02 3.98
N LEU F 75 13.30 -42.43 2.79
CA LEU F 75 12.19 -41.80 2.09
C LEU F 75 11.38 -42.83 1.34
N LYS F 76 10.40 -43.44 2.02
CA LYS F 76 9.59 -44.47 1.40
C LYS F 76 8.18 -44.54 1.95
N PRO F 77 7.30 -45.25 1.25
CA PRO F 77 5.92 -45.34 1.74
C PRO F 77 5.80 -45.61 3.22
N GLY F 78 4.89 -44.90 3.88
CA GLY F 78 4.65 -45.00 5.32
C GLY F 78 5.58 -44.14 6.17
N ALA F 79 6.66 -43.62 5.61
CA ALA F 79 7.58 -42.78 6.37
C ALA F 79 6.89 -41.53 6.83
N ARG F 80 7.11 -41.21 8.09
CA ARG F 80 6.57 -40.00 8.66
C ARG F 80 7.49 -38.87 8.21
N VAL F 81 6.92 -37.74 7.80
CA VAL F 81 7.72 -36.60 7.31
C VAL F 81 7.28 -35.27 7.93
N ALA F 82 8.19 -34.32 7.84
CA ALA F 82 8.01 -32.96 8.32
C ALA F 82 7.97 -32.05 7.10
N LEU F 83 6.85 -31.32 6.95
CA LEU F 83 6.58 -30.53 5.74
C LEU F 83 6.63 -29.06 6.06
N ASN F 84 7.31 -28.30 5.20
CA ASN F 84 7.17 -26.85 5.19
C ASN F 84 5.68 -26.53 5.09
N GLN F 85 5.21 -25.52 5.78
CA GLN F 85 3.77 -25.31 5.91
C GLN F 85 3.18 -24.62 4.70
N GLN F 86 3.96 -23.74 4.09
CA GLN F 86 3.53 -22.98 2.94
C GLN F 86 3.52 -23.85 1.71
N THR F 87 4.60 -24.59 1.43
CA THR F 87 4.76 -25.37 0.17
C THR F 87 4.55 -26.88 0.30
N LEU F 88 4.51 -27.35 1.52
CA LEU F 88 4.47 -28.77 1.81
C LEU F 88 5.70 -29.58 1.36
N ALA F 89 6.78 -28.91 1.00
CA ALA F 89 8.06 -29.58 0.74
C ALA F 89 8.54 -30.41 1.91
N ILE F 90 9.15 -31.57 1.61
CA ILE F 90 9.61 -32.51 2.63
C ILE F 90 10.93 -31.97 3.11
N VAL F 91 11.02 -31.68 4.40
CA VAL F 91 12.20 -31.01 4.96
C VAL F 91 13.05 -31.98 5.76
N ASN F 92 12.42 -33.00 6.35
CA ASN F 92 13.06 -34.02 7.20
C ASN F 92 12.20 -35.27 7.08
N VAL F 93 12.83 -36.44 7.07
CA VAL F 93 12.13 -37.65 7.43
C VAL F 93 12.19 -37.75 8.96
N LEU F 94 11.09 -38.13 9.58
CA LEU F 94 11.03 -38.36 10.99
C LEU F 94 10.98 -39.90 11.24
N PRO F 95 11.40 -40.37 12.45
CA PRO F 95 10.97 -41.70 12.96
C PRO F 95 9.48 -41.81 13.30
N MET G 9 -31.05 18.45 33.84
CA MET G 9 -31.80 17.87 32.67
C MET G 9 -32.29 18.97 31.72
N LYS G 10 -32.17 20.22 32.16
CA LYS G 10 -32.13 21.37 31.24
C LYS G 10 -30.64 21.67 31.02
N GLN G 11 -29.83 21.50 32.07
CA GLN G 11 -28.39 21.78 31.99
C GLN G 11 -27.61 20.71 31.21
N LEU G 12 -28.31 19.69 30.75
CA LEU G 12 -27.81 18.85 29.69
C LEU G 12 -28.27 19.43 28.35
N GLU G 13 -29.56 19.78 28.25
CA GLU G 13 -30.07 20.41 27.01
C GLU G 13 -29.28 21.67 26.67
N ASP G 14 -28.80 22.36 27.70
CA ASP G 14 -28.06 23.60 27.49
C ASP G 14 -26.64 23.33 26.97
N LYS G 15 -25.91 22.48 27.71
CA LYS G 15 -24.63 21.90 27.25
C LYS G 15 -24.76 21.34 25.83
N VAL G 16 -25.66 20.40 25.62
CA VAL G 16 -25.90 19.88 24.27
C VAL G 16 -26.09 21.02 23.26
N GLU G 17 -26.67 22.12 23.70
CA GLU G 17 -26.98 23.20 22.77
C GLU G 17 -25.72 23.91 22.34
N GLU G 18 -24.91 24.30 23.31
CA GLU G 18 -23.69 25.03 22.99
C GLU G 18 -22.72 24.18 22.14
N LEU G 19 -22.49 22.95 22.61
CA LEU G 19 -21.69 22.00 21.89
C LEU G 19 -22.12 21.91 20.43
N LEU G 20 -23.41 21.64 20.15
CA LEU G 20 -23.89 21.56 18.76
C LEU G 20 -23.46 22.77 17.92
N SER G 21 -23.40 23.93 18.55
CA SER G 21 -23.07 25.12 17.80
C SER G 21 -21.56 25.38 17.79
N LYS G 22 -20.89 25.18 18.92
CA LYS G 22 -19.42 25.29 18.96
C LYS G 22 -18.84 24.35 17.90
N ASN G 23 -19.28 23.11 17.89
CA ASN G 23 -18.93 22.20 16.82
C ASN G 23 -19.30 22.78 15.46
N TYR G 24 -20.50 23.28 15.27
CA TYR G 24 -20.85 23.85 13.94
C TYR G 24 -19.77 24.87 13.54
N HIS G 25 -19.40 25.75 14.45
CA HIS G 25 -18.41 26.77 14.11
C HIS G 25 -16.99 26.28 13.87
N LEU G 26 -16.52 25.34 14.68
CA LEU G 26 -15.24 24.71 14.46
C LEU G 26 -15.29 24.09 13.08
N GLU G 27 -16.30 23.26 12.81
CA GLU G 27 -16.41 22.59 11.49
C GLU G 27 -16.25 23.58 10.34
N ASN G 28 -16.73 24.79 10.58
CA ASN G 28 -16.67 25.80 9.58
C ASN G 28 -15.26 26.35 9.45
N GLU G 29 -14.55 26.49 10.58
CA GLU G 29 -13.14 26.88 10.57
C GLU G 29 -12.31 25.85 9.81
N VAL G 30 -12.64 24.58 10.00
CA VAL G 30 -11.95 23.53 9.32
C VAL G 30 -12.17 23.58 7.82
N ALA G 31 -13.43 23.73 7.38
CA ALA G 31 -13.72 23.87 5.92
C ALA G 31 -12.99 25.08 5.34
N ARG G 32 -13.01 26.18 6.06
CA ARG G 32 -12.34 27.38 5.57
C ARG G 32 -10.83 27.18 5.39
N LEU G 33 -10.20 26.55 6.38
CA LEU G 33 -8.77 26.30 6.34
C LEU G 33 -8.32 25.10 5.44
N ARG G 34 -9.22 24.16 5.17
CA ARG G 34 -8.89 23.06 4.29
C ARG G 34 -9.16 23.37 2.83
N SER G 35 -9.92 24.41 2.54
CA SER G 35 -10.35 24.62 1.15
C SER G 35 -9.18 25.02 0.28
N ALA G 36 -9.20 24.51 -0.93
CA ALA G 36 -8.05 24.65 -1.82
C ALA G 36 -7.93 26.08 -2.29
N PRO G 37 -6.70 26.52 -2.54
CA PRO G 37 -6.55 27.82 -3.09
C PRO G 37 -6.73 27.80 -4.60
N LEU G 38 -6.66 28.99 -5.17
CA LEU G 38 -6.70 29.19 -6.56
C LEU G 38 -5.48 29.97 -6.87
N LEU G 39 -4.89 29.62 -8.00
CA LEU G 39 -3.67 30.23 -8.44
C LEU G 39 -3.99 31.40 -9.38
N VAL G 40 -3.33 32.53 -9.18
CA VAL G 40 -3.60 33.73 -9.93
C VAL G 40 -2.75 33.75 -11.14
N GLY G 41 -3.33 34.09 -12.27
CA GLY G 41 -2.58 34.28 -13.52
C GLY G 41 -3.17 35.42 -14.34
N VAL G 42 -2.50 35.72 -15.44
CA VAL G 42 -2.93 36.73 -16.36
C VAL G 42 -3.07 36.09 -17.73
N VAL G 43 -4.20 36.31 -18.39
CA VAL G 43 -4.43 35.71 -19.72
C VAL G 43 -3.49 36.32 -20.73
N SER G 44 -2.83 35.50 -21.52
CA SER G 44 -1.90 35.96 -22.53
C SER G 44 -2.58 35.98 -23.91
N ASP G 45 -3.14 34.86 -24.37
CA ASP G 45 -3.96 34.88 -25.57
C ASP G 45 -4.98 33.75 -25.64
N ILE G 46 -6.01 33.94 -26.44
CA ILE G 46 -7.05 32.94 -26.60
C ILE G 46 -6.71 32.15 -27.83
N LEU G 47 -6.94 30.85 -27.78
CA LEU G 47 -6.59 30.02 -28.89
C LEU G 47 -7.87 29.68 -29.60
N GLU G 48 -7.77 29.51 -30.93
CA GLU G 48 -8.92 29.20 -31.79
C GLU G 48 -9.73 28.04 -31.21
N ASP G 49 -9.09 26.97 -30.72
CA ASP G 49 -9.88 25.88 -30.08
C ASP G 49 -10.61 26.24 -28.77
N GLY G 50 -10.44 27.49 -28.32
CA GLY G 50 -11.05 27.96 -27.07
C GLY G 50 -10.33 27.61 -25.78
N ARG G 51 -9.06 27.28 -25.87
CA ARG G 51 -8.20 27.16 -24.69
C ARG G 51 -7.40 28.43 -24.58
N VAL G 52 -6.86 28.69 -23.40
CA VAL G 52 -6.27 29.98 -23.11
C VAL G 52 -4.82 29.79 -22.64
N VAL G 53 -3.89 30.56 -23.18
CA VAL G 53 -2.58 30.58 -22.69
C VAL G 53 -2.59 31.54 -21.55
N VAL G 54 -2.11 31.07 -20.38
CA VAL G 54 -2.08 31.87 -19.17
C VAL G 54 -0.69 31.93 -18.61
N LYS G 55 -0.26 33.10 -18.20
CA LYS G 55 1.02 33.29 -17.55
C LYS G 55 0.74 33.23 -16.08
N SER G 56 1.08 32.13 -15.40
CA SER G 56 0.74 32.03 -13.98
C SER G 56 1.66 32.96 -13.20
N SER G 57 1.20 33.43 -12.05
CA SER G 57 2.07 34.12 -11.11
C SER G 57 3.17 33.22 -10.55
N THR G 58 3.05 31.88 -10.67
CA THR G 58 4.19 30.99 -10.30
C THR G 58 5.39 31.08 -11.26
N GLY G 59 5.20 31.73 -12.41
CA GLY G 59 6.25 31.88 -13.42
C GLY G 59 5.89 31.33 -14.81
N PRO G 60 5.65 30.03 -14.92
CA PRO G 60 5.50 29.48 -16.25
C PRO G 60 4.17 29.88 -16.93
N LYS G 61 4.12 29.67 -18.24
CA LYS G 61 2.92 29.87 -19.03
C LYS G 61 2.28 28.52 -19.34
N PHE G 62 0.97 28.47 -19.27
CA PHE G 62 0.23 27.23 -19.44
C PHE G 62 -0.88 27.36 -20.48
N VAL G 63 -1.18 26.27 -21.18
CA VAL G 63 -2.35 26.25 -22.02
C VAL G 63 -3.37 25.59 -21.17
N VAL G 64 -4.42 26.30 -20.82
CA VAL G 64 -5.39 25.72 -19.92
C VAL G 64 -6.80 25.73 -20.50
N ASN G 65 -7.68 24.92 -19.90
CA ASN G 65 -9.09 24.93 -20.22
C ASN G 65 -9.77 26.07 -19.52
N THR G 66 -10.90 26.49 -20.08
CA THR G 66 -11.81 27.42 -19.39
C THR G 66 -12.77 26.52 -18.65
N SER G 67 -13.69 27.12 -17.92
CA SER G 67 -14.73 26.34 -17.25
C SER G 67 -15.95 27.21 -17.03
N GLN G 68 -17.04 26.57 -16.64
CA GLN G 68 -18.35 27.22 -16.51
C GLN G 68 -18.42 28.19 -15.32
N TYR G 69 -17.53 28.04 -14.36
CA TYR G 69 -17.54 28.86 -13.14
C TYR G 69 -17.09 30.30 -13.43
N ILE G 70 -16.58 30.53 -14.64
CA ILE G 70 -16.31 31.90 -15.11
C ILE G 70 -17.65 32.62 -15.25
N ASN G 71 -18.73 31.85 -15.31
CA ASN G 71 -20.06 32.38 -15.62
C ASN G 71 -20.06 33.25 -16.89
N GLU G 72 -20.47 34.53 -16.79
CA GLU G 72 -20.66 35.34 -18.02
C GLU G 72 -19.47 36.24 -18.29
N GLU G 73 -18.54 36.27 -17.35
CA GLU G 73 -17.38 37.08 -17.52
C GLU G 73 -16.62 36.77 -18.82
N GLU G 74 -15.99 37.79 -19.40
CA GLU G 74 -15.23 37.54 -20.62
C GLU G 74 -13.71 37.57 -20.40
N LEU G 75 -13.05 36.68 -21.13
CA LEU G 75 -11.62 36.53 -21.15
C LEU G 75 -11.05 37.38 -22.26
N LYS G 76 -10.09 38.22 -21.94
CA LYS G 76 -9.32 38.85 -22.98
C LYS G 76 -7.88 38.98 -22.52
N PRO G 77 -6.97 39.15 -23.49
CA PRO G 77 -5.59 39.34 -23.08
C PRO G 77 -5.49 40.41 -22.04
N GLY G 78 -4.66 40.18 -21.04
CA GLY G 78 -4.44 41.11 -19.96
C GLY G 78 -5.35 40.83 -18.79
N ALA G 79 -6.38 40.00 -19.02
CA ALA G 79 -7.38 39.64 -17.99
C ALA G 79 -6.75 38.81 -16.89
N ARG G 80 -7.01 39.22 -15.67
CA ARG G 80 -6.45 38.54 -14.53
C ARG G 80 -7.36 37.38 -14.15
N VAL G 81 -6.78 36.19 -13.98
CA VAL G 81 -7.59 35.01 -13.70
C VAL G 81 -7.13 34.22 -12.46
N ALA G 82 -8.02 33.36 -12.01
CA ALA G 82 -7.82 32.48 -10.91
C ALA G 82 -7.94 31.08 -11.48
N LEU G 83 -6.95 30.22 -11.19
CA LEU G 83 -6.86 28.90 -11.75
C LEU G 83 -6.99 27.87 -10.65
N ASN G 84 -7.71 26.81 -10.96
CA ASN G 84 -7.75 25.62 -10.15
C ASN G 84 -6.36 25.03 -10.01
N GLN G 85 -6.03 24.63 -8.78
CA GLN G 85 -4.65 24.29 -8.45
C GLN G 85 -4.21 23.00 -9.13
N GLN G 86 -5.13 22.05 -9.24
CA GLN G 86 -4.83 20.78 -9.86
C GLN G 86 -4.81 20.82 -11.38
N THR G 87 -5.81 21.48 -11.97
CA THR G 87 -6.03 21.39 -13.40
C THR G 87 -5.54 22.62 -14.07
N LEU G 88 -5.32 23.68 -13.29
CA LEU G 88 -4.98 24.98 -13.90
C LEU G 88 -6.09 25.60 -14.81
N ALA G 89 -7.28 24.99 -14.81
CA ALA G 89 -8.45 25.52 -15.49
C ALA G 89 -8.84 26.90 -14.95
N ILE G 90 -9.23 27.81 -15.85
CA ILE G 90 -9.71 29.13 -15.43
C ILE G 90 -11.07 28.94 -14.75
N VAL G 91 -11.13 29.35 -13.48
CA VAL G 91 -12.38 29.23 -12.74
C VAL G 91 -13.04 30.58 -12.47
N ASN G 92 -12.28 31.69 -12.53
CA ASN G 92 -12.80 33.04 -12.34
C ASN G 92 -11.98 34.03 -13.09
N VAL G 93 -12.64 35.06 -13.60
CA VAL G 93 -11.92 36.25 -14.03
C VAL G 93 -11.93 37.10 -12.79
N LEU G 94 -10.84 37.81 -12.56
CA LEU G 94 -10.74 38.66 -11.40
C LEU G 94 -10.75 40.10 -11.87
N PRO G 95 -11.15 41.03 -10.99
CA PRO G 95 -11.00 42.46 -11.24
C PRO G 95 -9.54 42.91 -11.31
N MET H 9 -33.50 9.56 30.06
CA MET H 9 -32.79 10.83 30.41
C MET H 9 -31.31 10.80 30.04
N LYS H 10 -30.62 9.77 30.55
CA LYS H 10 -29.15 9.59 30.36
C LYS H 10 -28.72 9.43 28.89
N GLN H 11 -29.70 9.26 28.00
CA GLN H 11 -29.51 9.48 26.56
C GLN H 11 -28.84 10.84 26.28
N LEU H 12 -28.98 11.78 27.21
CA LEU H 12 -28.37 13.11 27.11
C LEU H 12 -26.95 13.20 27.65
N GLU H 13 -26.69 12.54 28.76
CA GLU H 13 -25.33 12.53 29.33
C GLU H 13 -24.36 11.93 28.31
N ASP H 14 -24.85 10.88 27.65
CA ASP H 14 -24.12 10.25 26.57
C ASP H 14 -23.97 11.22 25.39
N LYS H 15 -25.06 11.79 24.92
CA LYS H 15 -24.98 12.82 23.90
C LYS H 15 -23.97 13.90 24.30
N VAL H 16 -23.95 14.33 25.55
CA VAL H 16 -22.93 15.34 25.90
C VAL H 16 -21.49 14.80 25.64
N GLU H 17 -21.27 13.54 26.02
CA GLU H 17 -19.99 12.92 25.87
C GLU H 17 -19.64 12.84 24.40
N GLU H 18 -20.61 12.40 23.60
CA GLU H 18 -20.41 12.34 22.17
C GLU H 18 -19.94 13.68 21.62
N LEU H 19 -20.62 14.74 22.04
CA LEU H 19 -20.41 16.05 21.46
C LEU H 19 -19.11 16.62 21.91
N LEU H 20 -18.75 16.33 23.15
CA LEU H 20 -17.49 16.81 23.69
C LEU H 20 -16.36 16.12 22.93
N SER H 21 -16.57 14.84 22.62
CA SER H 21 -15.56 14.10 21.90
C SER H 21 -15.40 14.70 20.55
N LYS H 22 -16.51 14.87 19.84
CA LYS H 22 -16.51 15.54 18.53
C LYS H 22 -15.78 16.87 18.63
N ASN H 23 -16.13 17.65 19.65
CA ASN H 23 -15.51 18.94 19.92
C ASN H 23 -14.00 18.84 20.12
N TYR H 24 -13.56 17.82 20.84
CA TYR H 24 -12.13 17.65 21.12
C TYR H 24 -11.35 17.41 19.82
N HIS H 25 -11.90 16.55 18.98
CA HIS H 25 -11.31 16.26 17.69
C HIS H 25 -11.24 17.53 16.88
N LEU H 26 -12.33 18.30 16.86
CA LEU H 26 -12.37 19.49 16.00
C LEU H 26 -11.35 20.53 16.45
N GLU H 27 -11.24 20.70 17.74
CA GLU H 27 -10.22 21.59 18.28
C GLU H 27 -8.81 21.16 17.91
N ASN H 28 -8.56 19.86 17.95
CA ASN H 28 -7.24 19.42 17.58
C ASN H 28 -6.97 19.66 16.11
N GLU H 29 -7.91 19.26 15.28
CA GLU H 29 -7.82 19.51 13.85
C GLU H 29 -7.57 20.98 13.55
N VAL H 30 -8.31 21.86 14.24
CA VAL H 30 -8.17 23.30 14.00
C VAL H 30 -6.83 23.79 14.47
N ALA H 31 -6.42 23.33 15.65
CA ALA H 31 -5.10 23.70 16.19
C ALA H 31 -4.00 23.28 15.22
N ARG H 32 -4.15 22.10 14.63
CA ARG H 32 -3.12 21.58 13.71
C ARG H 32 -3.06 22.42 12.46
N LEU H 33 -4.21 22.76 11.91
CA LEU H 33 -4.27 23.60 10.72
C LEU H 33 -3.75 25.01 10.96
N ARG H 34 -3.85 25.50 12.18
CA ARG H 34 -3.40 26.87 12.49
C ARG H 34 -1.97 26.91 12.92
N SER H 35 -1.42 25.75 13.17
CA SER H 35 -0.07 25.62 13.69
C SER H 35 1.11 26.04 12.78
N ALA H 36 2.19 26.44 13.43
CA ALA H 36 3.48 26.70 12.78
C ALA H 36 4.02 25.38 12.29
N PRO H 37 4.82 25.42 11.24
CA PRO H 37 5.27 26.53 10.44
C PRO H 37 4.21 27.06 9.48
N LEU H 38 4.21 28.35 9.32
CA LEU H 38 3.21 28.97 8.51
C LEU H 38 4.02 29.80 7.52
N LEU H 39 3.51 29.97 6.33
CA LEU H 39 4.18 30.72 5.31
C LEU H 39 3.73 32.17 5.39
N VAL H 40 4.67 33.10 5.29
CA VAL H 40 4.31 34.50 5.34
C VAL H 40 3.95 34.98 3.97
N GLY H 41 2.92 35.79 3.93
CA GLY H 41 2.60 36.51 2.69
C GLY H 41 2.04 37.89 2.97
N VAL H 42 1.80 38.64 1.89
CA VAL H 42 1.22 39.98 1.95
C VAL H 42 -0.13 40.06 1.24
N VAL H 43 -1.14 40.68 1.87
CA VAL H 43 -2.45 40.81 1.20
C VAL H 43 -2.34 41.73 -0.02
N SER H 44 -3.01 41.37 -1.10
CA SER H 44 -2.92 42.11 -2.34
C SER H 44 -4.24 42.82 -2.60
N ASP H 45 -5.35 42.11 -2.48
CA ASP H 45 -6.66 42.76 -2.53
C ASP H 45 -7.77 41.83 -2.08
N ILE H 46 -8.97 42.35 -1.90
CA ILE H 46 -10.07 41.56 -1.33
C ILE H 46 -11.20 41.49 -2.30
N LEU H 47 -11.91 40.38 -2.28
CA LEU H 47 -12.91 40.10 -3.29
C LEU H 47 -14.36 40.16 -2.77
N GLU H 48 -15.28 40.33 -3.74
CA GLU H 48 -16.69 40.51 -3.49
C GLU H 48 -17.23 39.46 -2.50
N ASP H 49 -16.91 38.18 -2.76
CA ASP H 49 -17.36 37.06 -1.89
C ASP H 49 -16.56 36.86 -0.58
N GLY H 50 -15.58 37.71 -0.30
CA GLY H 50 -14.87 37.61 0.97
C GLY H 50 -13.59 36.79 0.94
N ARG H 51 -13.22 36.26 -0.24
CA ARG H 51 -11.93 35.56 -0.39
C ARG H 51 -10.87 36.63 -0.61
N VAL H 52 -9.61 36.29 -0.35
CA VAL H 52 -8.54 37.28 -0.38
C VAL H 52 -7.42 36.90 -1.37
N VAL H 53 -6.83 37.89 -2.04
CA VAL H 53 -5.71 37.63 -2.90
C VAL H 53 -4.46 37.97 -2.10
N VAL H 54 -3.50 37.04 -2.05
CA VAL H 54 -2.25 37.21 -1.28
C VAL H 54 -1.03 36.91 -2.15
N LYS H 55 0.06 37.61 -1.90
CA LYS H 55 1.30 37.29 -2.55
C LYS H 55 2.08 36.53 -1.53
N SER H 56 2.40 35.27 -1.81
CA SER H 56 3.19 34.50 -0.86
C SER H 56 4.61 34.96 -0.99
N SER H 57 5.32 34.89 0.14
CA SER H 57 6.76 35.13 0.11
C SER H 57 7.43 34.05 -0.77
N THR H 58 6.73 32.95 -1.10
CA THR H 58 7.31 31.99 -2.05
C THR H 58 7.31 32.52 -3.51
N GLY H 59 6.72 33.69 -3.77
CA GLY H 59 6.63 34.28 -5.12
C GLY H 59 5.23 34.48 -5.71
N PRO H 60 4.45 33.40 -5.87
CA PRO H 60 3.15 33.55 -6.52
C PRO H 60 2.04 34.24 -5.70
N LYS H 61 0.97 34.58 -6.42
CA LYS H 61 -0.23 35.14 -5.85
C LYS H 61 -1.34 34.09 -5.89
N PHE H 62 -2.17 34.02 -4.84
CA PHE H 62 -3.21 33.04 -4.72
C PHE H 62 -4.49 33.69 -4.20
N VAL H 63 -5.61 33.03 -4.47
CA VAL H 63 -6.85 33.44 -3.97
C VAL H 63 -7.18 32.44 -2.92
N VAL H 64 -7.25 32.91 -1.70
CA VAL H 64 -7.27 32.04 -0.55
C VAL H 64 -8.46 32.34 0.31
N ASN H 65 -8.82 31.38 1.13
CA ASN H 65 -9.85 31.55 2.10
C ASN H 65 -9.21 32.10 3.39
N THR H 66 -9.99 32.25 4.45
CA THR H 66 -9.49 32.97 5.67
C THR H 66 -10.05 32.28 6.88
N SER H 67 -9.37 32.44 7.99
CA SER H 67 -9.89 31.96 9.28
C SER H 67 -11.04 32.86 9.73
N GLN H 68 -12.12 32.27 10.22
CA GLN H 68 -13.22 33.09 10.75
C GLN H 68 -12.79 33.91 11.98
N TYR H 69 -11.68 33.54 12.62
CA TYR H 69 -11.25 34.20 13.85
C TYR H 69 -10.35 35.41 13.58
N ILE H 70 -10.29 35.90 12.34
CA ILE H 70 -9.40 37.02 12.01
C ILE H 70 -10.22 38.27 12.04
N ASN H 71 -9.56 39.37 12.39
CA ASN H 71 -10.23 40.65 12.40
C ASN H 71 -10.25 41.28 11.03
N GLU H 72 -11.41 41.19 10.38
CA GLU H 72 -11.64 41.68 9.02
C GLU H 72 -11.13 43.12 8.86
N GLU H 73 -11.37 43.94 9.87
CA GLU H 73 -10.79 45.27 9.91
C GLU H 73 -9.30 45.28 9.52
N GLU H 74 -8.51 44.28 9.95
CA GLU H 74 -7.05 44.26 9.68
C GLU H 74 -6.67 43.65 8.32
N LEU H 75 -7.64 43.00 7.67
CA LEU H 75 -7.44 42.44 6.34
C LEU H 75 -7.49 43.46 5.23
N LYS H 76 -6.33 44.06 4.93
CA LYS H 76 -6.22 45.11 3.92
C LYS H 76 -4.90 45.13 3.17
N PRO H 77 -4.93 45.59 1.92
CA PRO H 77 -3.72 45.60 1.09
C PRO H 77 -2.52 45.99 1.87
N GLY H 78 -1.45 45.23 1.74
CA GLY H 78 -0.19 45.50 2.45
C GLY H 78 -0.09 44.74 3.77
N ALA H 79 -1.23 44.29 4.28
CA ALA H 79 -1.24 43.54 5.55
C ALA H 79 -0.44 42.25 5.41
N ARG H 80 0.56 42.09 6.27
CA ARG H 80 1.36 40.88 6.32
C ARG H 80 0.52 39.77 6.94
N VAL H 81 0.51 38.58 6.31
CA VAL H 81 -0.31 37.48 6.82
C VAL H 81 0.47 36.19 7.02
N ALA H 82 -0.13 35.31 7.78
CA ALA H 82 0.41 34.00 7.99
C ALA H 82 -0.57 33.03 7.33
N LEU H 83 -0.01 32.18 6.46
CA LEU H 83 -0.76 31.26 5.63
C LEU H 83 -0.46 29.85 6.03
N ASN H 84 -1.48 29.01 6.08
CA ASN H 84 -1.32 27.57 6.09
C ASN H 84 -0.58 27.12 4.83
N GLN H 85 0.32 26.16 4.95
CA GLN H 85 1.23 25.88 3.83
C GLN H 85 0.61 25.03 2.75
N GLN H 86 -0.34 24.20 3.11
CA GLN H 86 -1.00 23.34 2.19
C GLN H 86 -2.04 24.09 1.39
N THR H 87 -2.90 24.86 2.07
CA THR H 87 -4.02 25.49 1.41
C THR H 87 -3.86 26.98 1.22
N LEU H 88 -2.90 27.55 1.92
CA LEU H 88 -2.63 28.99 1.93
C LEU H 88 -3.74 29.84 2.53
N ALA H 89 -4.69 29.23 3.23
CA ALA H 89 -5.62 29.97 4.10
C ALA H 89 -4.90 30.96 5.02
N ILE H 90 -5.44 32.17 5.11
CA ILE H 90 -4.95 33.14 6.07
C ILE H 90 -5.36 32.72 7.46
N VAL H 91 -4.38 32.44 8.29
CA VAL H 91 -4.59 31.98 9.66
C VAL H 91 -4.49 33.13 10.66
N ASN H 92 -3.56 34.05 10.44
CA ASN H 92 -3.32 35.21 11.32
C ASN H 92 -2.87 36.35 10.46
N VAL H 93 -3.23 37.56 10.86
CA VAL H 93 -2.58 38.75 10.37
C VAL H 93 -1.40 39.00 11.27
N LEU H 94 -0.26 39.34 10.71
CA LEU H 94 0.93 39.60 11.51
C LEU H 94 0.97 41.12 11.70
N PRO H 95 1.77 41.60 12.68
CA PRO H 95 2.03 43.03 12.84
C PRO H 95 2.84 43.63 11.69
N MET I 9 42.90 -19.69 14.81
CA MET I 9 41.96 -19.52 15.97
C MET I 9 42.33 -18.28 16.79
N LYS I 10 43.48 -17.69 16.50
CA LYS I 10 43.75 -16.29 16.84
C LYS I 10 43.45 -15.49 15.58
N GLN I 11 43.76 -16.08 14.40
CA GLN I 11 43.50 -15.42 13.11
C GLN I 11 42.03 -15.38 12.71
N LEU I 12 41.17 -15.96 13.55
CA LEU I 12 39.76 -15.65 13.52
C LEU I 12 39.49 -14.50 14.47
N GLU I 13 40.04 -14.57 15.68
CA GLU I 13 39.88 -13.46 16.65
C GLU I 13 40.37 -12.14 16.05
N ASP I 14 41.39 -12.23 15.21
CA ASP I 14 41.99 -11.05 14.62
C ASP I 14 41.08 -10.46 13.54
N LYS I 15 40.72 -11.30 12.57
CA LYS I 15 39.66 -11.02 11.58
C LYS I 15 38.41 -10.46 12.25
N VAL I 16 37.84 -11.22 13.18
CA VAL I 16 36.68 -10.73 13.94
C VAL I 16 36.95 -9.33 14.51
N GLU I 17 38.19 -9.05 14.85
CA GLU I 17 38.49 -7.78 15.52
C GLU I 17 38.42 -6.65 14.55
N GLU I 18 39.08 -6.81 13.42
CA GLU I 18 39.09 -5.73 12.43
C GLU I 18 37.67 -5.46 11.87
N LEU I 19 36.99 -6.54 11.51
CA LEU I 19 35.62 -6.44 11.05
C LEU I 19 34.79 -5.63 12.03
N LEU I 20 34.77 -6.01 13.31
CA LEU I 20 33.98 -5.27 14.32
C LEU I 20 34.22 -3.75 14.25
N SER I 21 35.47 -3.38 13.96
CA SER I 21 35.79 -1.97 13.94
C SER I 21 35.55 -1.36 12.56
N LYS I 22 35.94 -2.05 11.49
CA LYS I 22 35.64 -1.57 10.13
C LYS I 22 34.14 -1.29 10.03
N ASN I 23 33.34 -2.26 10.45
CA ASN I 23 31.92 -2.04 10.54
C ASN I 23 31.58 -0.83 11.40
N TYR I 24 32.15 -0.72 12.61
CA TYR I 24 31.84 0.45 13.46
C TYR I 24 32.07 1.74 12.67
N HIS I 25 33.17 1.82 11.93
CA HIS I 25 33.45 3.01 11.16
C HIS I 25 32.56 3.28 9.95
N LEU I 26 32.25 2.23 9.20
CA LEU I 26 31.29 2.34 8.12
C LEU I 26 29.99 2.83 8.71
N GLU I 27 29.49 2.15 9.75
CA GLU I 27 28.22 2.56 10.38
C GLU I 27 28.21 4.06 10.70
N ASN I 28 29.37 4.57 11.06
CA ASN I 28 29.48 5.94 11.39
C ASN I 28 29.41 6.82 10.13
N GLU I 29 30.05 6.37 9.05
CA GLU I 29 29.93 7.07 7.77
C GLU I 29 28.49 7.12 7.32
N VAL I 30 27.75 6.04 7.54
CA VAL I 30 26.37 5.99 7.16
C VAL I 30 25.54 6.99 7.98
N ALA I 31 25.74 7.02 9.31
CA ALA I 31 25.01 8.01 10.17
C ALA I 31 25.35 9.43 9.74
N ARG I 32 26.60 9.68 9.46
CA ARG I 32 27.00 11.02 9.05
C ARG I 32 26.31 11.43 7.75
N LEU I 33 26.30 10.53 6.78
CA LEU I 33 25.71 10.81 5.47
C LEU I 33 24.17 10.73 5.43
N ARG I 34 23.55 10.02 6.38
CA ARG I 34 22.10 9.98 6.44
C ARG I 34 21.48 11.10 7.24
N SER I 35 22.28 11.79 8.04
CA SER I 35 21.70 12.74 9.00
C SER I 35 21.13 13.93 8.28
N ALA I 36 19.99 14.38 8.77
CA ALA I 36 19.26 15.43 8.07
C ALA I 36 19.99 16.74 8.17
N PRO I 37 19.83 17.58 7.17
CA PRO I 37 20.43 18.90 7.25
C PRO I 37 19.53 19.84 8.00
N LEU I 38 20.06 21.05 8.17
CA LEU I 38 19.34 22.13 8.78
C LEU I 38 19.41 23.23 7.78
N LEU I 39 18.32 23.95 7.71
CA LEU I 39 18.16 24.99 6.75
C LEU I 39 18.50 26.31 7.41
N VAL I 40 19.28 27.13 6.74
CA VAL I 40 19.77 28.37 7.30
C VAL I 40 18.83 29.48 6.98
N GLY I 41 18.53 30.29 7.96
CA GLY I 41 17.71 31.48 7.77
C GLY I 41 18.20 32.61 8.65
N VAL I 42 17.55 33.76 8.50
CA VAL I 42 17.86 34.94 9.26
C VAL I 42 16.57 35.41 9.94
N VAL I 43 16.62 35.65 11.25
CA VAL I 43 15.45 36.09 11.97
C VAL I 43 15.02 37.46 11.50
N SER I 44 13.74 37.63 11.26
CA SER I 44 13.20 38.90 10.81
C SER I 44 12.55 39.66 11.99
N ASP I 45 11.57 39.06 12.66
CA ASP I 45 11.07 39.65 13.89
C ASP I 45 10.48 38.63 14.86
N ILE I 46 10.41 39.00 16.13
CA ILE I 46 9.86 38.11 17.14
C ILE I 46 8.41 38.52 17.30
N LEU I 47 7.56 37.55 17.49
CA LEU I 47 6.16 37.84 17.65
C LEU I 47 5.80 37.70 19.11
N GLU I 48 4.85 38.51 19.55
CA GLU I 48 4.40 38.53 20.94
C GLU I 48 4.09 37.13 21.45
N ASP I 49 3.45 36.27 20.67
CA ASP I 49 3.26 34.87 21.14
C ASP I 49 4.52 34.01 21.27
N GLY I 50 5.69 34.59 20.95
CA GLY I 50 6.97 33.90 21.00
C GLY I 50 7.34 33.00 19.83
N ARG I 51 6.68 33.19 18.71
CA ARG I 51 7.07 32.58 17.44
C ARG I 51 7.87 33.60 16.66
N VAL I 52 8.67 33.14 15.69
CA VAL I 52 9.63 33.99 15.03
C VAL I 52 9.36 33.96 13.52
N VAL I 53 9.35 35.14 12.90
CA VAL I 53 9.31 35.21 11.48
C VAL I 53 10.73 35.08 11.04
N VAL I 54 10.97 34.13 10.13
CA VAL I 54 12.31 33.83 9.61
C VAL I 54 12.30 33.91 8.11
N LYS I 55 13.30 34.55 7.56
CA LYS I 55 13.51 34.61 6.12
C LYS I 55 14.45 33.47 5.80
N SER I 56 13.97 32.38 5.23
CA SER I 56 14.86 31.26 4.94
C SER I 56 15.75 31.63 3.78
N SER I 57 16.93 31.03 3.72
CA SER I 57 17.80 31.14 2.56
C SER I 57 17.17 30.49 1.33
N THR I 58 16.18 29.59 1.49
CA THR I 58 15.42 29.08 0.30
C THR I 58 14.59 30.16 -0.42
N GLY I 59 14.40 31.32 0.23
CA GLY I 59 13.60 32.42 -0.31
C GLY I 59 12.45 32.89 0.57
N PRO I 60 11.47 32.01 0.82
CA PRO I 60 10.28 32.51 1.50
C PRO I 60 10.52 32.84 2.98
N LYS I 61 9.54 33.55 3.57
CA LYS I 61 9.54 33.87 4.97
C LYS I 61 8.52 32.97 5.66
N PHE I 62 8.88 32.52 6.84
CA PHE I 62 8.06 31.59 7.60
C PHE I 62 7.84 32.04 9.04
N VAL I 63 6.71 31.68 9.62
CA VAL I 63 6.49 31.90 11.02
C VAL I 63 6.79 30.58 11.62
N VAL I 64 7.82 30.51 12.44
CA VAL I 64 8.20 29.22 12.96
C VAL I 64 8.22 29.20 14.47
N ASN I 65 8.25 27.99 15.02
CA ASN I 65 8.42 27.79 16.45
C ASN I 65 9.87 27.87 16.80
N THR I 66 10.15 28.20 18.05
CA THR I 66 11.52 28.10 18.60
C THR I 66 11.58 26.71 19.16
N SER I 67 12.72 26.35 19.74
CA SER I 67 12.84 25.06 20.42
C SER I 67 13.95 25.13 21.46
N GLN I 68 14.00 24.11 22.30
CA GLN I 68 14.91 24.08 23.45
C GLN I 68 16.39 23.91 23.03
N TYR I 69 16.63 23.42 21.83
CA TYR I 69 17.99 23.13 21.35
C TYR I 69 18.75 24.43 21.05
N ILE I 70 18.04 25.56 21.08
CA ILE I 70 18.68 26.87 21.02
C ILE I 70 19.49 27.06 22.30
N ASN I 71 19.19 26.25 23.31
CA ASN I 71 19.76 26.41 24.63
C ASN I 71 19.62 27.87 25.15
N GLU I 72 20.73 28.54 25.47
CA GLU I 72 20.63 29.85 26.14
C GLU I 72 20.79 31.01 25.16
N GLU I 73 21.15 30.68 23.94
CA GLU I 73 21.33 31.68 22.93
C GLU I 73 20.09 32.57 22.76
N GLU I 74 20.32 33.84 22.44
CA GLU I 74 19.16 34.73 22.23
C GLU I 74 18.92 35.04 20.74
N LEU I 75 17.62 35.16 20.44
CA LEU I 75 17.12 35.50 19.14
C LEU I 75 16.90 36.98 19.05
N LYS I 76 17.46 37.62 18.05
CA LYS I 76 17.09 38.97 17.76
C LYS I 76 17.06 39.16 16.26
N PRO I 77 16.35 40.20 15.81
CA PRO I 77 16.35 40.45 14.38
C PRO I 77 17.75 40.52 13.86
N GLY I 78 17.99 39.92 12.69
CA GLY I 78 19.28 39.88 12.04
C GLY I 78 20.02 38.61 12.41
N ALA I 79 19.56 37.92 13.47
CA ALA I 79 20.21 36.70 13.97
C ALA I 79 20.10 35.58 12.95
N ARG I 80 21.23 34.94 12.69
CA ARG I 80 21.29 33.88 11.72
C ARG I 80 20.91 32.58 12.41
N VAL I 81 19.98 31.82 11.82
CA VAL I 81 19.51 30.62 12.45
C VAL I 81 19.54 29.37 11.54
N ALA I 82 19.42 28.23 12.17
CA ALA I 82 19.42 26.94 11.56
C ALA I 82 18.07 26.33 11.89
N LEU I 83 17.33 25.87 10.87
CA LEU I 83 15.99 25.38 10.99
C LEU I 83 15.92 23.93 10.66
N ASN I 84 15.16 23.21 11.46
CA ASN I 84 14.77 21.84 11.18
C ASN I 84 14.03 21.75 9.86
N GLN I 85 14.43 20.78 9.05
CA GLN I 85 14.02 20.72 7.65
C GLN I 85 12.54 20.44 7.54
N GLN I 86 12.02 19.59 8.41
CA GLN I 86 10.60 19.25 8.38
C GLN I 86 9.69 20.32 8.97
N THR I 87 10.06 20.86 10.13
CA THR I 87 9.18 21.69 10.91
C THR I 87 9.52 23.13 10.74
N LEU I 88 10.71 23.40 10.24
CA LEU I 88 11.21 24.77 10.15
C LEU I 88 11.43 25.47 11.53
N ALA I 89 11.30 24.71 12.63
CA ALA I 89 11.61 25.19 13.98
C ALA I 89 13.07 25.63 14.09
N ILE I 90 13.30 26.74 14.80
CA ILE I 90 14.67 27.20 15.08
C ILE I 90 15.31 26.21 16.05
N VAL I 91 16.41 25.60 15.60
CA VAL I 91 17.12 24.66 16.45
C VAL I 91 18.46 25.18 16.93
N ASN I 92 19.02 26.19 16.27
CA ASN I 92 20.29 26.80 16.67
C ASN I 92 20.33 28.23 16.23
N VAL I 93 20.95 29.08 17.05
CA VAL I 93 21.39 30.38 16.57
C VAL I 93 22.76 30.12 16.07
N LEU I 94 23.14 30.74 14.98
CA LEU I 94 24.48 30.57 14.41
C LEU I 94 25.24 31.86 14.61
N PRO I 95 26.58 31.77 14.61
CA PRO I 95 27.44 32.95 14.58
C PRO I 95 27.32 33.74 13.28
N MET J 9 34.67 -23.87 18.54
CA MET J 9 35.63 -23.03 17.77
C MET J 9 34.98 -22.38 16.58
N LYS J 10 34.34 -23.20 15.73
CA LYS J 10 33.70 -22.76 14.47
C LYS J 10 32.56 -21.74 14.66
N GLN J 11 32.14 -21.54 15.92
CA GLN J 11 31.36 -20.35 16.33
C GLN J 11 32.00 -19.05 15.83
N LEU J 12 33.32 -19.08 15.58
CA LEU J 12 34.08 -17.94 15.06
C LEU J 12 34.10 -17.82 13.53
N GLU J 13 34.22 -18.96 12.85
CA GLU J 13 34.19 -18.93 11.38
C GLU J 13 32.87 -18.35 10.91
N ASP J 14 31.81 -18.76 11.62
CA ASP J 14 30.47 -18.24 11.39
C ASP J 14 30.41 -16.75 11.72
N LYS J 15 30.87 -16.37 12.91
CA LYS J 15 30.98 -14.97 13.25
C LYS J 15 31.73 -14.21 12.16
N VAL J 16 32.82 -14.75 11.63
CA VAL J 16 33.51 -14.02 10.57
C VAL J 16 32.54 -13.78 9.34
N GLU J 17 31.79 -14.81 8.99
CA GLU J 17 30.89 -14.74 7.87
C GLU J 17 29.82 -13.69 8.15
N GLU J 18 29.25 -13.75 9.34
CA GLU J 18 28.29 -12.75 9.74
C GLU J 18 28.85 -11.33 9.55
N LEU J 19 30.08 -11.12 9.97
CA LEU J 19 30.63 -9.77 10.03
C LEU J 19 30.98 -9.31 8.65
N LEU J 20 31.43 -10.23 7.83
CA LEU J 20 31.75 -9.89 6.47
C LEU J 20 30.45 -9.51 5.76
N SER J 21 29.38 -10.23 6.07
CA SER J 21 28.12 -9.94 5.43
C SER J 21 27.70 -8.55 5.82
N LYS J 22 27.68 -8.30 7.12
CA LYS J 22 27.37 -6.98 7.64
C LYS J 22 28.20 -5.93 6.92
N ASN J 23 29.51 -6.19 6.83
CA ASN J 23 30.46 -5.31 6.15
C ASN J 23 30.11 -5.06 4.69
N TYR J 24 29.69 -6.11 4.00
CA TYR J 24 29.35 -6.01 2.58
C TYR J 24 28.15 -5.06 2.39
N HIS J 25 27.16 -5.23 3.26
CA HIS J 25 25.97 -4.38 3.23
C HIS J 25 26.40 -2.94 3.48
N LEU J 26 27.24 -2.73 4.49
CA LEU J 26 27.60 -1.36 4.87
C LEU J 26 28.38 -0.66 3.78
N GLU J 27 29.28 -1.38 3.16
CA GLU J 27 29.99 -0.87 2.01
C GLU J 27 29.07 -0.49 0.86
N ASN J 28 28.06 -1.31 0.61
CA ASN J 28 27.14 -0.95 -0.46
C ASN J 28 26.34 0.28 -0.11
N GLU J 29 25.79 0.29 1.08
CA GLU J 29 25.07 1.46 1.57
C GLU J 29 25.92 2.75 1.46
N VAL J 30 27.20 2.65 1.85
CA VAL J 30 28.06 3.83 1.83
C VAL J 30 28.36 4.22 0.38
N ALA J 31 28.63 3.20 -0.44
CA ALA J 31 28.86 3.45 -1.87
C ALA J 31 27.66 4.18 -2.49
N ARG J 32 26.46 3.76 -2.10
CA ARG J 32 25.23 4.33 -2.65
C ARG J 32 25.07 5.77 -2.21
N LEU J 33 25.30 6.01 -0.93
CA LEU J 33 25.21 7.37 -0.40
C LEU J 33 26.25 8.31 -0.96
N ARG J 34 27.41 7.78 -1.35
CA ARG J 34 28.47 8.63 -1.90
C ARG J 34 28.37 8.78 -3.39
N SER J 35 27.52 8.01 -4.00
CA SER J 35 27.39 7.98 -5.44
C SER J 35 26.84 9.22 -6.18
N ALA J 36 27.23 9.35 -7.43
CA ALA J 36 26.68 10.34 -8.36
C ALA J 36 25.25 9.96 -8.66
N PRO J 37 24.40 10.93 -8.96
CA PRO J 37 24.61 12.37 -9.03
C PRO J 37 24.67 13.06 -7.67
N LEU J 38 25.55 14.04 -7.59
CA LEU J 38 25.78 14.71 -6.36
C LEU J 38 25.56 16.17 -6.70
N LEU J 39 25.10 16.95 -5.73
CA LEU J 39 24.85 18.35 -5.94
C LEU J 39 26.10 19.14 -5.59
N VAL J 40 26.45 20.10 -6.41
CA VAL J 40 27.63 20.91 -6.12
C VAL J 40 27.24 22.05 -5.24
N GLY J 41 28.10 22.33 -4.27
CA GLY J 41 27.95 23.55 -3.48
C GLY J 41 29.29 24.10 -3.06
N VAL J 42 29.24 25.26 -2.40
CA VAL J 42 30.43 25.97 -1.90
C VAL J 42 30.42 26.09 -0.38
N VAL J 43 31.55 25.81 0.28
CA VAL J 43 31.58 25.96 1.76
C VAL J 43 31.47 27.43 2.14
N SER J 44 30.73 27.71 3.19
CA SER J 44 30.47 29.08 3.59
C SER J 44 31.19 29.36 4.90
N ASP J 45 31.06 28.45 5.88
CA ASP J 45 31.85 28.52 7.10
C ASP J 45 31.75 27.25 7.92
N ILE J 46 32.57 27.13 8.96
CA ILE J 46 32.64 25.91 9.73
C ILE J 46 32.31 26.17 11.17
N LEU J 47 31.70 25.19 11.82
CA LEU J 47 31.13 25.39 13.12
C LEU J 47 31.90 24.66 14.24
N GLU J 48 31.67 25.16 15.47
CA GLU J 48 32.32 24.69 16.66
C GLU J 48 32.29 23.14 16.77
N ASP J 49 31.11 22.56 16.57
CA ASP J 49 30.94 21.08 16.65
C ASP J 49 31.36 20.30 15.39
N GLY J 50 31.92 20.98 14.39
CA GLY J 50 32.44 20.27 13.22
C GLY J 50 31.47 20.11 12.06
N ARG J 51 30.25 20.66 12.19
CA ARG J 51 29.28 20.66 11.07
C ARG J 51 29.65 21.86 10.20
N VAL J 52 29.20 21.83 8.94
CA VAL J 52 29.62 22.84 7.96
C VAL J 52 28.45 23.58 7.33
N VAL J 53 28.60 24.87 7.05
CA VAL J 53 27.58 25.61 6.37
C VAL J 53 27.99 25.69 4.91
N VAL J 54 27.07 25.29 4.01
CA VAL J 54 27.32 25.26 2.57
C VAL J 54 26.23 25.99 1.82
N LYS J 55 26.59 26.64 0.72
CA LYS J 55 25.63 27.24 -0.16
C LYS J 55 25.49 26.27 -1.29
N SER J 56 24.30 25.71 -1.48
CA SER J 56 24.12 24.78 -2.59
C SER J 56 24.00 25.59 -3.84
N SER J 57 24.46 24.99 -4.93
CA SER J 57 24.21 25.58 -6.23
C SER J 57 22.69 25.67 -6.49
N THR J 58 21.86 24.95 -5.73
CA THR J 58 20.41 25.13 -5.88
C THR J 58 19.90 26.47 -5.28
N GLY J 59 20.77 27.28 -4.65
CA GLY J 59 20.39 28.54 -4.02
C GLY J 59 20.55 28.64 -2.49
N PRO J 60 19.87 27.81 -1.73
CA PRO J 60 19.93 27.96 -0.28
C PRO J 60 21.24 27.54 0.41
N LYS J 61 21.36 27.94 1.68
CA LYS J 61 22.44 27.57 2.55
C LYS J 61 21.94 26.56 3.61
N PHE J 62 22.76 25.55 3.91
CA PHE J 62 22.40 24.48 4.83
C PHE J 62 23.53 24.18 5.78
N VAL J 63 23.18 23.59 6.91
CA VAL J 63 24.14 23.16 7.87
C VAL J 63 24.13 21.69 7.75
N VAL J 64 25.25 21.16 7.31
CA VAL J 64 25.32 19.79 6.87
C VAL J 64 26.41 19.05 7.59
N ASN J 65 26.28 17.76 7.61
CA ASN J 65 27.29 16.90 8.14
C ASN J 65 28.33 16.62 7.05
N THR J 66 29.31 15.77 7.33
CA THR J 66 30.45 15.57 6.40
C THR J 66 30.81 14.12 6.44
N SER J 67 31.44 13.67 5.38
CA SER J 67 32.03 12.33 5.35
C SER J 67 33.28 12.29 6.22
N GLN J 68 33.45 11.22 6.98
CA GLN J 68 34.66 11.08 7.77
C GLN J 68 35.92 10.93 6.88
N TYR J 69 35.74 10.58 5.61
CA TYR J 69 36.86 10.32 4.72
C TYR J 69 37.36 11.59 3.99
N ILE J 70 36.94 12.77 4.44
CA ILE J 70 37.31 14.00 3.76
C ILE J 70 38.46 14.61 4.48
N ASN J 71 39.32 15.31 3.75
CA ASN J 71 40.47 15.95 4.36
C ASN J 71 40.10 17.29 4.93
N GLU J 72 39.93 17.31 6.27
CA GLU J 72 39.52 18.51 7.01
C GLU J 72 40.35 19.74 6.61
N GLU J 73 41.64 19.53 6.42
CA GLU J 73 42.50 20.58 5.88
C GLU J 73 41.87 21.28 4.66
N GLU J 74 41.17 20.55 3.77
CA GLU J 74 40.58 21.16 2.54
C GLU J 74 39.20 21.80 2.75
N LEU J 75 38.59 21.50 3.90
CA LEU J 75 37.30 22.08 4.25
C LEU J 75 37.38 23.51 4.73
N LYS J 76 37.33 24.46 3.79
CA LYS J 76 37.46 25.87 4.10
C LYS J 76 36.64 26.78 3.18
N PRO J 77 36.21 27.94 3.72
CA PRO J 77 35.39 28.86 2.94
C PRO J 77 35.85 28.95 1.54
N GLY J 78 34.92 28.85 0.60
CA GLY J 78 35.22 28.93 -0.82
C GLY J 78 35.43 27.56 -1.45
N ALA J 79 35.73 26.56 -0.63
CA ALA J 79 35.94 25.21 -1.12
C ALA J 79 34.68 24.66 -1.79
N ARG J 80 34.82 24.28 -3.05
CA ARG J 80 33.73 23.68 -3.80
C ARG J 80 33.56 22.26 -3.27
N VAL J 81 32.30 21.87 -3.01
CA VAL J 81 32.02 20.54 -2.47
C VAL J 81 30.96 19.78 -3.26
N ALA J 82 30.93 18.49 -3.03
CA ALA J 82 29.93 17.63 -3.62
C ALA J 82 29.09 17.13 -2.46
N LEU J 83 27.78 17.32 -2.59
CA LEU J 83 26.79 17.03 -1.58
C LEU J 83 25.90 15.88 -2.00
N ASN J 84 25.60 14.99 -1.09
CA ASN J 84 24.49 14.04 -1.27
C ASN J 84 23.16 14.81 -1.42
N GLN J 85 22.26 14.34 -2.27
CA GLN J 85 21.14 15.18 -2.67
C GLN J 85 20.02 15.15 -1.65
N GLN J 86 19.90 14.07 -0.92
CA GLN J 86 18.87 13.92 0.04
C GLN J 86 19.21 14.66 1.31
N THR J 87 20.44 14.49 1.82
CA THR J 87 20.81 15.04 3.12
C THR J 87 21.74 16.21 3.04
N LEU J 88 22.33 16.41 1.87
CA LEU J 88 23.33 17.45 1.63
C LEU J 88 24.65 17.27 2.39
N ALA J 89 24.89 16.10 2.97
CA ALA J 89 26.22 15.73 3.47
C ALA J 89 27.31 16.01 2.46
N ILE J 90 28.41 16.58 2.92
CA ILE J 90 29.58 16.74 2.05
C ILE J 90 30.23 15.39 1.90
N VAL J 91 30.26 14.93 0.66
CA VAL J 91 30.82 13.63 0.31
C VAL J 91 32.27 13.77 -0.20
N ASN J 92 32.56 14.82 -0.96
CA ASN J 92 33.89 15.07 -1.53
C ASN J 92 34.09 16.56 -1.61
N VAL J 93 35.35 16.98 -1.45
CA VAL J 93 35.74 18.32 -1.83
C VAL J 93 36.16 18.25 -3.27
N LEU J 94 35.74 19.19 -4.08
CA LEU J 94 36.11 19.17 -5.48
C LEU J 94 37.34 20.07 -5.61
N PRO J 95 38.09 19.96 -6.74
CA PRO J 95 39.18 20.89 -7.04
C PRO J 95 38.70 22.33 -7.32
N MET K 9 -17.07 -10.56 -45.23
CA MET K 9 -15.97 -11.49 -44.84
C MET K 9 -14.65 -11.11 -45.52
N LYS K 10 -14.71 -10.17 -46.46
CA LYS K 10 -13.53 -9.37 -46.84
C LYS K 10 -13.65 -8.08 -46.05
N GLN K 11 -14.88 -7.59 -45.87
CA GLN K 11 -15.12 -6.34 -45.12
C GLN K 11 -14.92 -6.47 -43.62
N LEU K 12 -14.62 -7.69 -43.17
CA LEU K 12 -14.04 -7.89 -41.87
C LEU K 12 -12.52 -7.84 -42.01
N GLU K 13 -11.97 -8.55 -42.99
CA GLU K 13 -10.51 -8.50 -43.23
C GLU K 13 -10.05 -7.06 -43.44
N ASP K 14 -10.90 -6.24 -44.04
CA ASP K 14 -10.55 -4.87 -44.34
C ASP K 14 -10.54 -4.01 -43.08
N LYS K 15 -11.67 -4.04 -42.36
CA LYS K 15 -11.78 -3.48 -40.98
C LYS K 15 -10.61 -3.94 -40.11
N VAL K 16 -10.42 -5.25 -39.97
CA VAL K 16 -9.29 -5.77 -39.21
C VAL K 16 -7.96 -5.15 -39.68
N GLU K 17 -7.89 -4.82 -40.96
CA GLU K 17 -6.63 -4.32 -41.51
C GLU K 17 -6.38 -2.93 -41.03
N GLU K 18 -7.37 -2.07 -41.18
CA GLU K 18 -7.18 -0.67 -40.81
C GLU K 18 -6.93 -0.54 -39.29
N LEU K 19 -7.78 -1.20 -38.52
CA LEU K 19 -7.61 -1.24 -37.08
C LEU K 19 -6.20 -1.60 -36.71
N LEU K 20 -5.68 -2.74 -37.21
CA LEU K 20 -4.30 -3.14 -36.89
C LEU K 20 -3.29 -2.00 -37.08
N SER K 21 -3.53 -1.18 -38.10
CA SER K 21 -2.58 -0.14 -38.40
C SER K 21 -2.92 1.16 -37.64
N LYS K 22 -4.20 1.51 -37.56
CA LYS K 22 -4.59 2.68 -36.73
C LYS K 22 -4.04 2.48 -35.32
N ASN K 23 -4.29 1.31 -34.75
CA ASN K 23 -3.67 0.96 -33.48
C ASN K 23 -2.14 1.08 -33.53
N TYR K 24 -1.49 0.53 -34.56
CA TYR K 24 -0.01 0.64 -34.61
C TYR K 24 0.39 2.13 -34.49
N HIS K 25 -0.29 3.01 -35.21
CA HIS K 25 0.03 4.41 -35.15
C HIS K 25 -0.29 5.13 -33.86
N LEU K 26 -1.45 4.83 -33.27
CA LEU K 26 -1.77 5.37 -31.95
C LEU K 26 -0.67 4.92 -31.00
N GLU K 27 -0.40 3.61 -30.95
CA GLU K 27 0.63 3.08 -30.04
C GLU K 27 1.93 3.86 -30.15
N ASN K 28 2.21 4.31 -31.36
CA ASN K 28 3.40 5.04 -31.59
C ASN K 28 3.30 6.46 -31.04
N GLU K 29 2.12 7.07 -31.17
CA GLU K 29 1.87 8.38 -30.56
C GLU K 29 2.03 8.30 -29.06
N VAL K 30 1.55 7.21 -28.47
CA VAL K 30 1.68 7.01 -27.06
C VAL K 30 3.14 6.89 -26.65
N ALA K 31 3.93 6.06 -27.35
CA ALA K 31 5.39 5.94 -27.01
C ALA K 31 6.09 7.28 -27.14
N ARG K 32 5.77 8.01 -28.19
CA ARG K 32 6.39 9.31 -28.38
C ARG K 32 6.08 10.25 -27.24
N LEU K 33 4.83 10.33 -26.84
CA LEU K 33 4.39 11.23 -25.78
C LEU K 33 4.74 10.75 -24.34
N ARG K 34 4.97 9.45 -24.15
CA ARG K 34 5.36 8.92 -22.83
C ARG K 34 6.84 8.93 -22.61
N SER K 35 7.63 9.09 -23.67
CA SER K 35 9.07 8.93 -23.52
C SER K 35 9.65 10.05 -22.72
N ALA K 36 10.60 9.70 -21.87
CA ALA K 36 11.14 10.65 -20.91
C ALA K 36 11.98 11.68 -21.60
N PRO K 37 12.02 12.89 -21.08
CA PRO K 37 12.89 13.89 -21.65
C PRO K 37 14.29 13.75 -21.13
N LEU K 38 15.14 14.59 -21.69
CA LEU K 38 16.49 14.71 -21.27
C LEU K 38 16.70 16.15 -20.93
N LEU K 39 17.46 16.35 -19.87
CA LEU K 39 17.72 17.65 -19.36
C LEU K 39 19.02 18.21 -19.94
N VAL K 40 18.98 19.44 -20.38
CA VAL K 40 20.10 20.06 -21.04
C VAL K 40 20.98 20.71 -20.06
N GLY K 41 22.28 20.52 -20.20
CA GLY K 41 23.26 21.18 -19.37
C GLY K 41 24.51 21.49 -20.18
N VAL K 42 25.44 22.17 -19.52
CA VAL K 42 26.69 22.55 -20.10
C VAL K 42 27.80 22.04 -19.19
N VAL K 43 28.78 21.36 -19.78
CA VAL K 43 29.85 20.79 -18.99
C VAL K 43 30.68 21.92 -18.40
N SER K 44 31.01 21.82 -17.13
CA SER K 44 31.81 22.82 -16.45
C SER K 44 33.28 22.32 -16.32
N ASP K 45 33.50 21.17 -15.71
CA ASP K 45 34.84 20.59 -15.77
C ASP K 45 34.85 19.08 -15.59
N ILE K 46 35.93 18.45 -16.05
CA ILE K 46 36.05 17.00 -15.95
C ILE K 46 36.84 16.73 -14.70
N LEU K 47 36.49 15.69 -13.99
CA LEU K 47 37.17 15.37 -12.76
C LEU K 47 38.07 14.19 -13.04
N GLU K 48 39.20 14.14 -12.32
CA GLU K 48 40.18 13.09 -12.47
C GLU K 48 39.53 11.71 -12.41
N ASP K 49 38.59 11.47 -11.51
CA ASP K 49 37.89 10.15 -11.51
C ASP K 49 37.01 9.85 -12.73
N GLY K 50 36.92 10.81 -13.67
CA GLY K 50 36.09 10.67 -14.86
C GLY K 50 34.61 10.97 -14.71
N ARG K 51 34.24 11.67 -13.65
CA ARG K 51 32.89 12.25 -13.52
C ARG K 51 32.96 13.68 -13.95
N VAL K 52 31.81 14.27 -14.27
CA VAL K 52 31.76 15.58 -14.88
C VAL K 52 30.90 16.52 -14.03
N VAL K 53 31.38 17.73 -13.81
CA VAL K 53 30.56 18.71 -13.17
C VAL K 53 29.80 19.35 -14.28
N VAL K 54 28.47 19.38 -14.13
CA VAL K 54 27.59 19.93 -15.15
C VAL K 54 26.71 21.00 -14.56
N LYS K 55 26.59 22.11 -15.25
CA LYS K 55 25.67 23.19 -14.87
C LYS K 55 24.39 22.93 -15.59
N SER K 56 23.35 22.44 -14.92
CA SER K 56 22.11 22.13 -15.62
C SER K 56 21.41 23.43 -15.98
N SER K 57 20.61 23.40 -17.03
CA SER K 57 19.75 24.52 -17.36
C SER K 57 18.69 24.74 -16.28
N THR K 58 18.40 23.74 -15.42
CA THR K 58 17.48 23.98 -14.26
C THR K 58 18.08 24.93 -13.21
N GLY K 59 19.37 25.22 -13.30
CA GLY K 59 20.06 26.09 -12.35
C GLY K 59 21.26 25.46 -11.64
N PRO K 60 21.05 24.41 -10.86
CA PRO K 60 22.15 23.94 -10.04
C PRO K 60 23.25 23.22 -10.86
N LYS K 61 24.40 23.02 -10.21
CA LYS K 61 25.50 22.28 -10.77
C LYS K 61 25.54 20.91 -10.10
N PHE K 62 25.85 19.92 -10.91
CA PHE K 62 25.83 18.52 -10.45
C PHE K 62 27.11 17.79 -10.83
N VAL K 63 27.52 16.83 -10.02
CA VAL K 63 28.61 15.96 -10.38
C VAL K 63 27.92 14.76 -10.90
N VAL K 64 28.10 14.47 -12.18
CA VAL K 64 27.37 13.35 -12.75
C VAL K 64 28.28 12.29 -13.40
N ASN K 65 27.72 11.12 -13.63
CA ASN K 65 28.39 10.06 -14.37
C ASN K 65 28.26 10.33 -15.84
N THR K 66 29.21 9.78 -16.60
CA THR K 66 29.10 9.76 -18.06
C THR K 66 28.40 8.45 -18.34
N SER K 67 28.14 8.18 -19.61
CA SER K 67 27.59 6.88 -20.01
C SER K 67 27.99 6.55 -21.41
N GLN K 68 27.76 5.31 -21.81
CA GLN K 68 28.19 4.78 -23.10
C GLN K 68 27.39 5.37 -24.28
N TYR K 69 26.23 5.94 -24.01
CA TYR K 69 25.35 6.47 -25.06
C TYR K 69 25.92 7.79 -25.63
N ILE K 70 26.98 8.31 -24.99
CA ILE K 70 27.75 9.41 -25.55
C ILE K 70 28.46 8.93 -26.81
N ASN K 71 28.56 7.61 -26.95
CA ASN K 71 29.35 6.98 -28.00
C ASN K 71 30.79 7.58 -28.10
N GLU K 72 31.17 8.13 -29.25
CA GLU K 72 32.58 8.54 -29.43
C GLU K 72 32.78 10.04 -29.19
N GLU K 73 31.68 10.74 -29.04
CA GLU K 73 31.74 12.16 -28.78
C GLU K 73 32.64 12.50 -27.56
N GLU K 74 33.31 13.64 -27.63
CA GLU K 74 34.16 14.03 -26.51
C GLU K 74 33.55 15.17 -25.69
N LEU K 75 33.78 15.07 -24.39
CA LEU K 75 33.36 16.03 -23.39
C LEU K 75 34.46 17.01 -23.16
N LYS K 76 34.17 18.29 -23.28
CA LYS K 76 35.09 19.30 -22.82
C LYS K 76 34.33 20.44 -22.20
N PRO K 77 35.03 21.23 -21.36
CA PRO K 77 34.32 22.36 -20.78
C PRO K 77 33.66 23.17 -21.86
N GLY K 78 32.44 23.63 -21.59
CA GLY K 78 31.66 24.42 -22.51
C GLY K 78 30.77 23.53 -23.36
N ALA K 79 31.03 22.22 -23.35
CA ALA K 79 30.24 21.26 -24.17
C ALA K 79 28.82 21.18 -23.64
N ARG K 80 27.88 21.27 -24.57
CA ARG K 80 26.48 21.22 -24.23
C ARG K 80 26.04 19.75 -24.17
N VAL K 81 25.37 19.36 -23.08
CA VAL K 81 25.00 17.97 -22.89
C VAL K 81 23.52 17.75 -22.53
N ALA K 82 23.09 16.51 -22.68
CA ALA K 82 21.76 16.09 -22.42
C ALA K 82 21.89 15.05 -21.30
N LEU K 83 21.10 15.21 -20.24
CA LEU K 83 21.18 14.39 -19.06
C LEU K 83 19.90 13.62 -18.88
N ASN K 84 20.07 12.37 -18.50
CA ASN K 84 18.99 11.52 -18.05
C ASN K 84 18.32 12.14 -16.83
N GLN K 85 16.99 12.14 -16.86
CA GLN K 85 16.20 12.92 -15.93
C GLN K 85 16.33 12.37 -14.51
N GLN K 86 16.41 11.07 -14.38
CA GLN K 86 16.50 10.44 -13.07
C GLN K 86 17.90 10.47 -12.49
N THR K 87 18.90 10.14 -13.29
CA THR K 87 20.26 9.94 -12.80
C THR K 87 21.09 11.14 -13.06
N LEU K 88 20.66 12.02 -13.94
CA LEU K 88 21.51 13.14 -14.38
C LEU K 88 22.81 12.75 -15.13
N ALA K 89 22.98 11.44 -15.43
CA ALA K 89 24.07 10.94 -16.28
C ALA K 89 24.07 11.57 -17.66
N ILE K 90 25.27 11.93 -18.16
CA ILE K 90 25.40 12.46 -19.51
C ILE K 90 25.10 11.34 -20.49
N VAL K 91 24.08 11.56 -21.33
CA VAL K 91 23.71 10.56 -22.30
C VAL K 91 24.03 10.97 -23.74
N ASN K 92 24.19 12.27 -23.99
CA ASN K 92 24.56 12.79 -25.31
C ASN K 92 25.34 14.07 -25.17
N VAL K 93 26.30 14.27 -26.06
CA VAL K 93 26.85 15.60 -26.28
C VAL K 93 25.97 16.16 -27.35
N LEU K 94 25.65 17.44 -27.26
CA LEU K 94 24.83 18.10 -28.24
C LEU K 94 25.70 19.06 -29.01
N PRO K 95 25.28 19.41 -30.24
CA PRO K 95 25.89 20.49 -31.02
C PRO K 95 25.72 21.86 -30.38
N MET L 9 -15.57 -18.34 -39.22
CA MET L 9 -15.71 -16.96 -39.79
C MET L 9 -15.78 -15.91 -38.70
N LYS L 10 -16.74 -16.08 -37.78
CA LYS L 10 -17.02 -15.13 -36.68
C LYS L 10 -15.84 -14.91 -35.72
N GLN L 11 -14.80 -15.75 -35.85
CA GLN L 11 -13.47 -15.46 -35.30
C GLN L 11 -12.99 -14.04 -35.70
N LEU L 12 -13.54 -13.51 -36.79
CA LEU L 12 -13.21 -12.17 -37.28
C LEU L 12 -14.07 -11.06 -36.68
N GLU L 13 -15.36 -11.32 -36.51
CA GLU L 13 -16.24 -10.31 -35.90
C GLU L 13 -15.74 -10.00 -34.50
N ASP L 14 -15.32 -11.06 -33.81
CA ASP L 14 -14.72 -10.95 -32.50
C ASP L 14 -13.39 -10.19 -32.59
N LYS L 15 -12.50 -10.62 -33.47
CA LYS L 15 -11.28 -9.87 -33.70
C LYS L 15 -11.60 -8.38 -33.95
N VAL L 16 -12.62 -8.07 -34.73
CA VAL L 16 -12.92 -6.65 -34.94
C VAL L 16 -13.24 -5.95 -33.58
N GLU L 17 -14.02 -6.63 -32.75
CA GLU L 17 -14.42 -6.10 -31.47
C GLU L 17 -13.19 -5.89 -30.61
N GLU L 18 -12.33 -6.90 -30.56
CA GLU L 18 -11.08 -6.79 -29.83
C GLU L 18 -10.32 -5.52 -30.25
N LEU L 19 -10.20 -5.34 -31.55
CA LEU L 19 -9.33 -4.30 -32.08
C LEU L 19 -9.92 -2.95 -31.85
N LEU L 20 -11.25 -2.89 -31.92
CA LEU L 20 -11.94 -1.63 -31.68
C LEU L 20 -11.76 -1.27 -30.20
N SER L 21 -11.79 -2.28 -29.35
CA SER L 21 -11.61 -2.03 -27.93
C SER L 21 -10.25 -1.47 -27.70
N LYS L 22 -9.25 -2.17 -28.21
CA LYS L 22 -7.86 -1.74 -28.14
C LYS L 22 -7.75 -0.32 -28.63
N ASN L 23 -8.36 -0.04 -29.77
CA ASN L 23 -8.39 1.29 -30.39
C ASN L 23 -8.99 2.35 -29.48
N TYR L 24 -10.10 2.00 -28.83
CA TYR L 24 -10.80 2.93 -27.94
C TYR L 24 -9.88 3.33 -26.76
N HIS L 25 -9.19 2.34 -26.20
CA HIS L 25 -8.28 2.58 -25.09
C HIS L 25 -7.17 3.50 -25.56
N LEU L 26 -6.62 3.22 -26.75
CA LEU L 26 -5.47 3.97 -27.24
C LEU L 26 -5.86 5.41 -27.53
N GLU L 27 -7.03 5.59 -28.10
CA GLU L 27 -7.53 6.94 -28.29
C GLU L 27 -7.69 7.70 -26.97
N ASN L 28 -8.19 7.04 -25.96
CA ASN L 28 -8.36 7.71 -24.70
C ASN L 28 -7.00 8.08 -24.10
N GLU L 29 -6.12 7.12 -24.06
CA GLU L 29 -4.75 7.35 -23.60
C GLU L 29 -4.09 8.53 -24.34
N VAL L 30 -4.25 8.57 -25.66
CA VAL L 30 -3.64 9.66 -26.45
C VAL L 30 -4.32 10.98 -26.15
N ALA L 31 -5.65 10.95 -26.06
CA ALA L 31 -6.41 12.15 -25.68
C ALA L 31 -5.90 12.70 -24.34
N ARG L 32 -5.65 11.81 -23.41
CA ARG L 32 -5.25 12.21 -22.05
C ARG L 32 -3.88 12.81 -22.09
N LEU L 33 -2.96 12.16 -22.79
CA LEU L 33 -1.62 12.71 -22.94
C LEU L 33 -1.57 14.04 -23.67
N ARG L 34 -2.52 14.29 -24.57
CA ARG L 34 -2.52 15.55 -25.32
C ARG L 34 -3.30 16.64 -24.61
N SER L 35 -3.98 16.27 -23.57
CA SER L 35 -4.88 17.19 -22.88
C SER L 35 -4.27 18.35 -22.08
N ALA L 36 -5.04 19.42 -21.96
CA ALA L 36 -4.73 20.56 -21.08
C ALA L 36 -4.81 20.06 -19.67
N PRO L 37 -4.06 20.66 -18.74
CA PRO L 37 -3.09 21.75 -18.90
C PRO L 37 -1.77 21.30 -19.52
N LEU L 38 -1.24 22.16 -20.36
CA LEU L 38 -0.04 21.87 -21.06
C LEU L 38 0.87 23.02 -20.73
N LEU L 39 2.16 22.75 -20.71
CA LEU L 39 3.15 23.75 -20.39
C LEU L 39 3.63 24.41 -21.68
N VAL L 40 3.74 25.72 -21.67
CA VAL L 40 4.20 26.42 -22.86
C VAL L 40 5.69 26.47 -22.84
N GLY L 41 6.28 26.25 -24.00
CA GLY L 41 7.70 26.50 -24.20
C GLY L 41 7.98 27.00 -25.58
N VAL L 42 9.26 27.31 -25.82
CA VAL L 42 9.76 27.80 -27.10
C VAL L 42 10.80 26.87 -27.70
N VAL L 43 10.69 26.54 -28.98
CA VAL L 43 11.69 25.66 -29.60
C VAL L 43 13.04 26.38 -29.67
N SER L 44 14.12 25.64 -29.44
CA SER L 44 15.45 26.21 -29.37
C SER L 44 16.26 25.72 -30.56
N ASP L 45 16.23 24.42 -30.82
CA ASP L 45 16.83 23.87 -32.03
C ASP L 45 16.44 22.44 -32.27
N ILE L 46 16.76 21.90 -33.46
CA ILE L 46 16.29 20.56 -33.81
C ILE L 46 17.48 19.66 -34.07
N LEU L 47 17.31 18.39 -33.77
CA LEU L 47 18.42 17.47 -33.79
C LEU L 47 18.37 16.44 -34.94
N GLU L 48 19.54 15.87 -35.22
CA GLU L 48 19.75 14.94 -36.31
C GLU L 48 18.69 13.84 -36.33
N ASP L 49 18.47 13.22 -35.16
CA ASP L 49 17.45 12.12 -35.03
C ASP L 49 15.99 12.57 -34.91
N GLY L 50 15.72 13.86 -35.03
CA GLY L 50 14.34 14.32 -35.03
C GLY L 50 13.76 14.73 -33.68
N ARG L 51 14.58 14.64 -32.62
CA ARG L 51 14.16 15.12 -31.28
C ARG L 51 14.40 16.63 -31.27
N VAL L 52 13.73 17.33 -30.36
CA VAL L 52 13.76 18.79 -30.35
C VAL L 52 14.23 19.37 -29.01
N VAL L 53 14.99 20.46 -29.03
CA VAL L 53 15.38 21.12 -27.83
C VAL L 53 14.42 22.28 -27.60
N VAL L 54 13.83 22.36 -26.40
CA VAL L 54 12.84 23.40 -26.06
C VAL L 54 13.22 24.10 -24.77
N LYS L 55 12.88 25.38 -24.67
CA LYS L 55 13.05 26.09 -23.43
C LYS L 55 11.69 26.16 -22.83
N SER L 56 11.50 25.56 -21.67
CA SER L 56 10.18 25.61 -21.06
C SER L 56 10.03 26.96 -20.45
N SER L 57 8.79 27.44 -20.41
CA SER L 57 8.51 28.65 -19.67
C SER L 57 8.83 28.43 -18.17
N THR L 58 8.99 27.17 -17.72
CA THR L 58 9.41 26.94 -16.32
C THR L 58 10.91 27.28 -16.11
N GLY L 59 11.65 27.66 -17.16
CA GLY L 59 13.07 27.97 -17.06
C GLY L 59 14.05 27.07 -17.82
N PRO L 60 14.11 25.79 -17.50
CA PRO L 60 15.11 24.93 -18.14
C PRO L 60 14.85 24.56 -19.62
N LYS L 61 15.88 24.00 -20.23
CA LYS L 61 15.86 23.49 -21.58
C LYS L 61 15.91 21.96 -21.53
N PHE L 62 15.12 21.32 -22.39
CA PHE L 62 15.01 19.87 -22.44
C PHE L 62 15.08 19.35 -23.86
N VAL L 63 15.45 18.09 -24.00
CA VAL L 63 15.44 17.45 -25.27
C VAL L 63 14.26 16.52 -25.19
N VAL L 64 13.30 16.80 -26.06
CA VAL L 64 12.00 16.20 -25.96
C VAL L 64 11.60 15.54 -27.25
N ASN L 65 10.68 14.61 -27.14
CA ASN L 65 10.12 13.97 -28.27
C ASN L 65 8.94 14.81 -28.79
N THR L 66 8.23 14.33 -29.79
CA THR L 66 7.19 15.17 -30.45
C THR L 66 6.03 14.30 -30.82
N SER L 67 4.88 14.92 -30.97
CA SER L 67 3.72 14.20 -31.49
C SER L 67 3.87 13.96 -32.97
N GLN L 68 3.53 12.76 -33.44
CA GLN L 68 3.57 12.49 -34.86
C GLN L 68 2.55 13.34 -35.66
N TYR L 69 1.57 13.91 -34.99
CA TYR L 69 0.53 14.70 -35.66
C TYR L 69 0.90 16.19 -35.81
N ILE L 70 2.17 16.56 -35.62
CA ILE L 70 2.55 17.96 -35.69
C ILE L 70 3.14 18.21 -37.06
N ASN L 71 2.96 19.42 -37.54
CA ASN L 71 3.51 19.79 -38.82
C ASN L 71 4.96 20.21 -38.71
N GLU L 72 5.84 19.27 -39.08
CA GLU L 72 7.29 19.46 -39.03
C GLU L 72 7.71 20.80 -39.61
N GLU L 73 7.09 21.18 -40.72
CA GLU L 73 7.30 22.51 -41.29
C GLU L 73 7.26 23.62 -40.22
N GLU L 74 6.36 23.52 -39.23
CA GLU L 74 6.20 24.59 -38.20
C GLU L 74 7.17 24.48 -37.01
N LEU L 75 7.83 23.31 -36.92
CA LEU L 75 8.83 23.07 -35.88
C LEU L 75 10.15 23.74 -36.16
N LYS L 76 10.28 25.00 -35.72
CA LYS L 76 11.50 25.78 -35.96
C LYS L 76 11.82 26.77 -34.86
N PRO L 77 13.13 27.05 -34.67
CA PRO L 77 13.55 27.96 -33.61
C PRO L 77 12.64 29.11 -33.46
N GLY L 78 12.24 29.40 -32.24
CA GLY L 78 11.33 30.51 -31.94
C GLY L 78 9.88 30.07 -31.87
N ALA L 79 9.58 28.93 -32.46
CA ALA L 79 8.21 28.41 -32.47
C ALA L 79 7.72 28.12 -31.04
N ARG L 80 6.62 28.75 -30.67
CA ARG L 80 6.00 28.54 -29.38
C ARG L 80 5.34 27.16 -29.40
N VAL L 81 5.56 26.36 -28.35
CA VAL L 81 4.99 25.01 -28.31
C VAL L 81 4.22 24.71 -27.04
N ALA L 82 3.40 23.70 -27.12
CA ALA L 82 2.68 23.22 -25.97
C ALA L 82 3.24 21.83 -25.68
N LEU L 83 3.67 21.67 -24.42
CA LEU L 83 4.36 20.49 -23.92
C LEU L 83 3.50 19.75 -22.94
N ASN L 84 3.47 18.44 -23.02
CA ASN L 84 2.97 17.58 -21.94
C ASN L 84 3.81 17.79 -20.65
N GLN L 85 3.17 17.79 -19.50
CA GLN L 85 3.85 18.30 -18.29
C GLN L 85 4.75 17.28 -17.68
N GLN L 86 4.43 16.03 -17.86
CA GLN L 86 5.21 14.97 -17.30
C GLN L 86 6.43 14.71 -18.13
N THR L 87 6.28 14.60 -19.45
CA THR L 87 7.40 14.20 -20.32
C THR L 87 7.95 15.30 -21.14
N LEU L 88 7.22 16.39 -21.22
CA LEU L 88 7.57 17.58 -22.02
C LEU L 88 7.55 17.33 -23.55
N ALA L 89 6.99 16.22 -23.99
CA ALA L 89 6.64 16.03 -25.41
C ALA L 89 5.94 17.23 -26.01
N ILE L 90 6.37 17.64 -27.20
CA ILE L 90 5.63 18.69 -27.91
C ILE L 90 4.37 18.06 -28.44
N VAL L 91 3.25 18.59 -27.97
CA VAL L 91 1.93 18.13 -28.34
C VAL L 91 1.33 18.98 -29.48
N ASN L 92 1.55 20.29 -29.46
CA ASN L 92 0.99 21.25 -30.45
C ASN L 92 1.99 22.36 -30.58
N VAL L 93 2.06 22.92 -31.78
CA VAL L 93 2.71 24.19 -31.99
C VAL L 93 1.66 25.23 -31.80
N LEU L 94 1.98 26.31 -31.11
CA LEU L 94 0.99 27.34 -30.87
C LEU L 94 1.24 28.39 -31.96
N PRO L 95 0.27 29.29 -32.19
CA PRO L 95 0.48 30.45 -33.07
C PRO L 95 1.49 31.46 -32.50
#